data_7X0C
#
_entry.id   7X0C
#
_cell.length_a   73.977
_cell.length_b   95.343
_cell.length_c   79.278
_cell.angle_alpha   90.000
_cell.angle_beta   105.144
_cell.angle_gamma   90.000
#
_symmetry.space_group_name_H-M   'P 1 21 1'
#
loop_
_entity.id
_entity.type
_entity.pdbx_description
1 polymer 'Phospholipase A1-IIgamma'
2 water water
#
_entity_poly.entity_id   1
_entity_poly.type   'polypeptide(L)'
_entity_poly.pdbx_seq_one_letter_code
;GMKRKKKEEEEEKLIVTREFAKRWRDLSGQNHWKGMLQPLDQDLREYIIHYGEMAQAGYDTFNINTESQFAGASIYSRKD
FFAKVGLEIAHPYTKYKVTKFIYATSDIHVPESFLLFPISREGWSKESNWMGYVAVTDDQGTALLGRRDIVVSWRGSVQP
LEWVEDFEFGLVNAIKIFGERNDQVQIHQGWYSIYMSQDERSPFTKTNARDQVLREVGRLLEKYKDEEVSITICGHSLGA
ALATLSATDIVANGYNRPKSRPDKSCPVTAFVFASPRVGDSDFRKLFSGLEDIRVLRTRNLPDVIPIYPPIGYSEVGDEF
PIDTRKSPYMKSPGNLATFHCLEGYLHGVAGTQGTNKADLFRLDVERAIGLVNKSVDGLKDECMVPGKWRVLKNKGMAQQ
DDGSWELVDHEIDDNEDLDF
;
_entity_poly.pdbx_strand_id   A,B
#
# COMPACT_ATOMS: atom_id res chain seq x y z
N ILE A 15 -10.97 -12.41 -31.84
CA ILE A 15 -10.86 -11.02 -32.24
C ILE A 15 -10.94 -10.88 -33.77
N VAL A 16 -10.21 -11.74 -34.47
CA VAL A 16 -10.15 -11.71 -35.93
C VAL A 16 -11.54 -11.83 -36.57
N THR A 17 -12.44 -12.62 -35.96
CA THR A 17 -13.78 -12.75 -36.50
C THR A 17 -14.73 -11.62 -36.08
N ARG A 18 -14.28 -10.68 -35.26
CA ARG A 18 -15.11 -9.57 -34.76
C ARG A 18 -16.44 -10.05 -34.18
N GLU A 19 -16.34 -11.06 -33.32
CA GLU A 19 -17.52 -11.60 -32.63
C GLU A 19 -18.35 -10.49 -31.94
N PHE A 20 -17.67 -9.61 -31.20
CA PHE A 20 -18.40 -8.61 -30.43
C PHE A 20 -18.97 -7.51 -31.32
N ALA A 21 -18.23 -7.07 -32.33
CA ALA A 21 -18.76 -6.06 -33.23
C ALA A 21 -19.99 -6.58 -33.95
N LYS A 22 -20.01 -7.88 -34.30
CA LYS A 22 -21.14 -8.42 -35.05
C LYS A 22 -22.38 -8.59 -34.18
N ARG A 23 -22.19 -8.87 -32.89
CA ARG A 23 -23.30 -9.22 -32.03
C ARG A 23 -23.67 -8.12 -31.05
N TRP A 24 -23.12 -6.91 -31.18
CA TRP A 24 -23.19 -5.97 -30.06
C TRP A 24 -24.63 -5.59 -29.69
N ARG A 25 -25.53 -5.46 -30.66
CA ARG A 25 -26.90 -5.08 -30.28
C ARG A 25 -27.54 -6.17 -29.41
N ASP A 26 -27.33 -7.44 -29.74
CA ASP A 26 -27.87 -8.49 -28.89
C ASP A 26 -27.15 -8.54 -27.54
N LEU A 27 -25.83 -8.33 -27.54
CA LEU A 27 -25.06 -8.33 -26.30
C LEU A 27 -25.49 -7.15 -25.41
N SER A 28 -25.91 -6.05 -26.01
CA SER A 28 -26.43 -4.89 -25.28
C SER A 28 -27.94 -4.97 -25.09
N GLY A 29 -28.52 -6.13 -25.34
CA GLY A 29 -29.85 -6.43 -24.86
C GLY A 29 -30.99 -6.16 -25.81
N GLN A 30 -30.73 -6.04 -27.11
CA GLN A 30 -31.80 -5.75 -28.08
C GLN A 30 -33.03 -6.64 -27.87
N ASN A 31 -32.82 -7.94 -27.68
CA ASN A 31 -33.90 -8.89 -27.37
C ASN A 31 -33.93 -9.31 -25.90
N HIS A 32 -33.63 -8.38 -24.96
CA HIS A 32 -33.70 -8.62 -23.52
C HIS A 32 -32.89 -9.83 -23.08
N TRP A 33 -31.81 -10.09 -23.79
CA TRP A 33 -30.87 -11.17 -23.50
C TRP A 33 -31.55 -12.54 -23.59
N LYS A 34 -32.67 -12.63 -24.31
CA LYS A 34 -33.35 -13.93 -24.41
C LYS A 34 -32.39 -14.95 -25.00
N GLY A 35 -32.40 -16.14 -24.40
CA GLY A 35 -31.53 -17.22 -24.84
C GLY A 35 -30.07 -17.05 -24.47
N MET A 36 -29.70 -15.97 -23.78
CA MET A 36 -28.29 -15.71 -23.50
C MET A 36 -27.92 -15.80 -22.03
N LEU A 37 -28.89 -16.06 -21.13
CA LEU A 37 -28.63 -16.01 -19.68
C LEU A 37 -28.58 -17.38 -19.02
N GLN A 38 -29.50 -18.27 -19.36
CA GLN A 38 -29.44 -19.66 -18.88
C GLN A 38 -29.50 -20.56 -20.11
N PRO A 39 -28.35 -21.12 -20.51
CA PRO A 39 -27.04 -20.90 -19.89
C PRO A 39 -26.43 -19.57 -20.32
N LEU A 40 -25.34 -19.14 -19.67
CA LEU A 40 -24.72 -17.85 -20.01
C LEU A 40 -23.95 -17.96 -21.31
N ASP A 41 -24.37 -17.13 -22.27
CA ASP A 41 -23.72 -16.99 -23.55
C ASP A 41 -22.26 -16.56 -23.35
N GLN A 42 -21.33 -17.21 -24.05
CA GLN A 42 -19.90 -16.99 -23.77
C GLN A 42 -19.47 -15.57 -24.12
N ASP A 43 -19.94 -15.03 -25.25
CA ASP A 43 -19.63 -13.65 -25.57
C ASP A 43 -20.18 -12.73 -24.49
N LEU A 44 -21.41 -12.99 -24.05
CA LEU A 44 -22.02 -12.14 -23.04
C LEU A 44 -21.27 -12.20 -21.73
N ARG A 45 -20.75 -13.38 -21.36
CA ARG A 45 -19.87 -13.52 -20.20
C ARG A 45 -18.74 -12.48 -20.22
N GLU A 46 -18.04 -12.37 -21.35
CA GLU A 46 -16.97 -11.41 -21.49
C GLU A 46 -17.49 -9.98 -21.56
N TYR A 47 -18.66 -9.79 -22.16
CA TYR A 47 -19.23 -8.45 -22.32
C TYR A 47 -19.62 -7.87 -20.97
N ILE A 48 -20.29 -8.68 -20.15
CA ILE A 48 -20.67 -8.24 -18.81
C ILE A 48 -19.41 -7.83 -18.02
N ILE A 49 -18.38 -8.68 -18.06
CA ILE A 49 -17.15 -8.39 -17.30
C ILE A 49 -16.50 -7.11 -17.82
N HIS A 50 -16.55 -6.89 -19.15
CA HIS A 50 -16.01 -5.68 -19.75
C HIS A 50 -16.60 -4.43 -19.10
N TYR A 51 -17.94 -4.38 -18.98
CA TYR A 51 -18.54 -3.18 -18.41
C TYR A 51 -18.45 -3.15 -16.89
N GLY A 52 -18.48 -4.32 -16.23
CA GLY A 52 -18.23 -4.35 -14.80
C GLY A 52 -16.85 -3.83 -14.43
N GLU A 53 -15.85 -4.09 -15.29
CA GLU A 53 -14.53 -3.54 -15.03
C GLU A 53 -14.52 -2.03 -15.09
N MET A 54 -15.35 -1.46 -15.96
CA MET A 54 -15.38 0.00 -16.09
C MET A 54 -16.03 0.62 -14.87
N ALA A 55 -16.96 -0.10 -14.21
CA ALA A 55 -17.44 0.33 -12.89
C ALA A 55 -16.40 0.14 -11.78
N GLN A 56 -15.71 -1.00 -11.79
CA GLN A 56 -14.69 -1.24 -10.76
C GLN A 56 -13.57 -0.21 -10.86
N ALA A 57 -13.29 0.29 -12.08
CA ALA A 57 -12.28 1.33 -12.22
C ALA A 57 -12.60 2.54 -11.35
N GLY A 58 -13.89 2.80 -11.10
CA GLY A 58 -14.28 3.89 -10.23
C GLY A 58 -13.86 3.66 -8.79
N TYR A 59 -13.96 2.42 -8.31
CA TYR A 59 -13.40 2.10 -7.00
C TYR A 59 -11.89 2.22 -7.00
N ASP A 60 -11.26 1.86 -8.12
CA ASP A 60 -9.81 1.81 -8.08
C ASP A 60 -9.17 3.19 -8.11
N THR A 61 -9.91 4.23 -8.54
CA THR A 61 -9.40 5.58 -8.51
C THR A 61 -9.94 6.38 -7.34
N PHE A 62 -10.88 5.84 -6.57
CA PHE A 62 -11.51 6.66 -5.55
C PHE A 62 -10.68 6.67 -4.26
N ASN A 63 -10.32 7.87 -3.79
CA ASN A 63 -9.46 8.02 -2.62
C ASN A 63 -10.30 7.82 -1.35
N ILE A 64 -10.05 6.73 -0.61
CA ILE A 64 -10.86 6.41 0.56
C ILE A 64 -10.10 6.66 1.85
N ASN A 65 -8.95 7.31 1.76
CA ASN A 65 -8.11 7.53 2.94
C ASN A 65 -8.56 8.81 3.64
N THR A 66 -9.35 8.67 4.72
CA THR A 66 -9.90 9.89 5.30
C THR A 66 -8.82 10.75 5.99
N GLU A 67 -7.60 10.22 6.17
CA GLU A 67 -6.51 11.03 6.71
C GLU A 67 -5.94 11.98 5.66
N SER A 68 -6.33 11.80 4.40
CA SER A 68 -5.86 12.64 3.31
C SER A 68 -6.81 13.81 3.07
N GLN A 69 -6.23 14.94 2.69
CA GLN A 69 -6.99 16.11 2.25
C GLN A 69 -7.80 15.82 1.01
N PHE A 70 -7.44 14.77 0.26
CA PHE A 70 -8.09 14.47 -1.01
C PHE A 70 -8.99 13.24 -0.91
N ALA A 71 -9.33 12.83 0.31
CA ALA A 71 -10.35 11.81 0.49
C ALA A 71 -11.61 12.21 -0.24
N GLY A 72 -12.17 11.29 -1.01
CA GLY A 72 -13.37 11.60 -1.76
C GLY A 72 -13.10 12.08 -3.18
N ALA A 73 -11.84 12.33 -3.54
CA ALA A 73 -11.49 12.73 -4.90
C ALA A 73 -10.98 11.52 -5.67
N SER A 74 -10.77 11.73 -6.96
CA SER A 74 -10.09 10.74 -7.81
C SER A 74 -8.59 10.81 -7.58
N ILE A 75 -7.97 9.63 -7.48
CA ILE A 75 -6.49 9.55 -7.43
C ILE A 75 -5.89 9.90 -8.80
N TYR A 76 -6.40 9.26 -9.85
CA TYR A 76 -5.85 9.42 -11.19
C TYR A 76 -6.57 10.50 -11.99
N SER A 77 -5.82 11.14 -12.88
CA SER A 77 -6.39 12.06 -13.84
C SER A 77 -7.05 11.33 -15.02
N ARG A 78 -7.78 12.10 -15.85
CA ARG A 78 -8.43 11.51 -17.03
C ARG A 78 -7.42 10.94 -18.01
N LYS A 79 -6.25 11.56 -18.10
CA LYS A 79 -5.28 11.14 -19.11
C LYS A 79 -4.78 9.72 -18.86
N ASP A 80 -4.87 8.87 -19.89
CA ASP A 80 -4.42 7.46 -19.82
C ASP A 80 -5.06 6.74 -18.64
N PHE A 81 -6.33 7.07 -18.38
CA PHE A 81 -6.97 6.60 -17.16
C PHE A 81 -6.99 5.06 -17.09
N PHE A 82 -7.36 4.41 -18.19
CA PHE A 82 -7.57 2.96 -18.09
C PHE A 82 -6.25 2.23 -17.92
N ALA A 83 -5.18 2.78 -18.47
CA ALA A 83 -3.86 2.22 -18.23
C ALA A 83 -3.47 2.36 -16.77
N LYS A 84 -3.89 3.45 -16.13
CA LYS A 84 -3.52 3.66 -14.73
C LYS A 84 -4.25 2.72 -13.78
N VAL A 85 -5.45 2.22 -14.14
CA VAL A 85 -6.19 1.31 -13.26
C VAL A 85 -6.11 -0.15 -13.72
N GLY A 86 -5.10 -0.49 -14.51
CA GLY A 86 -4.89 -1.89 -14.85
C GLY A 86 -5.76 -2.43 -15.94
N LEU A 87 -6.34 -1.57 -16.77
CA LEU A 87 -7.25 -2.01 -17.83
C LEU A 87 -6.67 -1.69 -19.21
N GLU A 88 -5.37 -1.93 -19.39
CA GLU A 88 -4.77 -1.88 -20.72
C GLU A 88 -4.13 -3.21 -21.10
N ILE A 89 -3.19 -3.70 -20.28
CA ILE A 89 -2.61 -5.03 -20.51
C ILE A 89 -3.73 -6.05 -20.57
N ALA A 90 -3.73 -6.86 -21.64
CA ALA A 90 -4.71 -7.93 -21.85
C ALA A 90 -6.15 -7.43 -21.85
N HIS A 91 -6.36 -6.16 -22.23
CA HIS A 91 -7.69 -5.58 -22.39
C HIS A 91 -7.79 -4.93 -23.76
N PRO A 92 -7.70 -5.73 -24.84
CA PRO A 92 -7.75 -5.18 -26.20
C PRO A 92 -9.01 -4.40 -26.51
N TYR A 93 -10.12 -4.67 -25.82
CA TYR A 93 -11.36 -3.99 -26.11
C TYR A 93 -11.58 -2.74 -25.26
N THR A 94 -10.72 -2.44 -24.30
CA THR A 94 -10.96 -1.26 -23.45
C THR A 94 -10.24 -0.05 -24.04
N LYS A 95 -10.58 0.23 -25.29
CA LYS A 95 -9.98 1.34 -26.03
C LYS A 95 -10.88 2.56 -25.93
N TYR A 96 -10.91 3.13 -24.73
CA TYR A 96 -11.73 4.31 -24.44
C TYR A 96 -10.88 5.46 -23.92
N LYS A 97 -11.33 6.68 -24.20
CA LYS A 97 -10.75 7.89 -23.67
C LYS A 97 -11.74 8.45 -22.65
N VAL A 98 -11.27 8.76 -21.46
CA VAL A 98 -12.15 9.39 -20.48
C VAL A 98 -12.20 10.87 -20.80
N THR A 99 -13.41 11.39 -21.01
CA THR A 99 -13.51 12.79 -21.38
C THR A 99 -13.92 13.68 -20.23
N LYS A 100 -14.55 13.15 -19.18
CA LYS A 100 -15.04 14.05 -18.14
C LYS A 100 -15.21 13.30 -16.83
N PHE A 101 -14.80 13.91 -15.74
CA PHE A 101 -15.12 13.39 -14.42
C PHE A 101 -16.43 14.01 -13.93
N ILE A 102 -17.15 13.27 -13.08
CA ILE A 102 -18.47 13.65 -12.58
C ILE A 102 -18.38 13.77 -11.06
N TYR A 103 -18.97 14.83 -10.51
CA TYR A 103 -18.96 15.06 -9.06
C TYR A 103 -20.39 15.15 -8.54
N ALA A 104 -20.59 14.70 -7.30
CA ALA A 104 -21.91 14.70 -6.70
C ALA A 104 -21.85 15.25 -5.28
N THR A 105 -22.99 15.79 -4.83
CA THR A 105 -23.15 16.16 -3.41
C THR A 105 -24.52 15.67 -2.96
N SER A 106 -24.89 15.96 -1.71
CA SER A 106 -26.20 15.57 -1.19
C SER A 106 -26.74 16.66 -0.28
N ASP A 107 -27.99 17.05 -0.48
CA ASP A 107 -28.62 18.02 0.42
C ASP A 107 -29.02 17.38 1.75
N ILE A 108 -29.13 16.06 1.81
CA ILE A 108 -29.37 15.36 3.07
C ILE A 108 -28.15 14.55 3.49
N HIS A 109 -28.06 14.27 4.79
CA HIS A 109 -26.98 13.42 5.24
C HIS A 109 -27.13 12.02 4.67
N VAL A 110 -26.02 11.46 4.22
CA VAL A 110 -26.02 10.09 3.70
C VAL A 110 -24.85 9.34 4.33
N PRO A 111 -24.91 8.01 4.33
CA PRO A 111 -23.82 7.19 4.86
C PRO A 111 -22.47 7.58 4.26
N GLU A 112 -21.41 7.31 5.03
CA GLU A 112 -20.05 7.49 4.55
C GLU A 112 -19.72 6.57 3.38
N SER A 113 -20.42 5.44 3.24
CA SER A 113 -20.20 4.58 2.08
C SER A 113 -20.64 5.26 0.78
N PHE A 114 -21.45 6.31 0.88
CA PHE A 114 -21.95 7.04 -0.29
C PHE A 114 -21.19 8.34 -0.54
N LEU A 115 -20.97 9.15 0.49
CA LEU A 115 -20.13 10.35 0.39
C LEU A 115 -19.16 10.31 1.55
N LEU A 116 -17.86 10.32 1.22
CA LEU A 116 -16.81 10.13 2.20
C LEU A 116 -15.97 11.40 2.24
N PHE A 117 -15.60 11.88 3.42
CA PHE A 117 -14.93 13.17 3.48
C PHE A 117 -13.63 13.12 4.28
N PRO A 118 -12.72 14.06 4.03
CA PRO A 118 -11.49 14.13 4.83
C PRO A 118 -11.80 14.43 6.29
N ILE A 119 -10.98 13.87 7.18
CA ILE A 119 -11.16 14.12 8.62
C ILE A 119 -11.05 15.59 8.96
N SER A 120 -10.16 16.31 8.26
CA SER A 120 -9.85 17.71 8.57
C SER A 120 -11.08 18.62 8.58
N GLY A 123 -9.55 20.36 3.73
CA GLY A 123 -9.81 19.36 2.70
C GLY A 123 -10.26 19.93 1.37
N TRP A 124 -10.20 19.10 0.31
CA TRP A 124 -10.44 19.63 -1.03
C TRP A 124 -11.90 20.01 -1.23
N SER A 125 -12.80 19.44 -0.44
CA SER A 125 -14.22 19.72 -0.54
C SER A 125 -14.80 19.27 0.77
N LYS A 126 -15.80 20.01 1.25
CA LYS A 126 -16.45 19.60 2.48
C LYS A 126 -17.76 18.85 2.23
N GLU A 127 -18.26 18.85 0.99
CA GLU A 127 -19.58 18.31 0.73
C GLU A 127 -19.69 17.52 -0.58
N SER A 128 -18.67 17.48 -1.44
CA SER A 128 -18.80 16.77 -2.71
C SER A 128 -17.83 15.60 -2.79
N ASN A 129 -18.14 14.63 -3.66
CA ASN A 129 -17.22 13.53 -3.98
C ASN A 129 -17.12 13.37 -5.49
N TRP A 130 -15.97 12.84 -5.92
CA TRP A 130 -15.88 12.20 -7.23
C TRP A 130 -16.90 11.07 -7.31
N MET A 131 -17.68 11.00 -8.40
CA MET A 131 -18.80 10.07 -8.43
C MET A 131 -18.83 9.32 -9.77
N GLY A 132 -17.82 9.48 -10.62
CA GLY A 132 -17.74 8.63 -11.79
C GLY A 132 -17.20 9.39 -12.98
N TYR A 133 -17.41 8.85 -14.18
CA TYR A 133 -16.79 9.47 -15.35
C TYR A 133 -17.60 9.17 -16.61
N VAL A 134 -17.31 9.93 -17.66
CA VAL A 134 -17.86 9.67 -19.00
C VAL A 134 -16.68 9.38 -19.91
N ALA A 135 -16.83 8.38 -20.77
CA ALA A 135 -15.75 7.97 -21.66
C ALA A 135 -16.35 7.63 -23.02
N VAL A 136 -15.49 7.46 -24.02
CA VAL A 136 -15.98 7.14 -25.37
C VAL A 136 -14.89 6.32 -26.06
N THR A 137 -15.31 5.39 -26.93
CA THR A 137 -14.33 4.62 -27.68
C THR A 137 -13.55 5.53 -28.64
N ASP A 138 -12.25 5.26 -28.77
CA ASP A 138 -11.49 5.96 -29.80
C ASP A 138 -11.75 5.28 -31.13
N ASP A 139 -11.07 5.71 -32.20
CA ASP A 139 -11.45 5.14 -33.49
C ASP A 139 -11.14 3.64 -33.58
N GLN A 140 -10.10 3.19 -32.88
CA GLN A 140 -9.80 1.76 -32.80
C GLN A 140 -10.86 0.99 -32.00
N GLY A 141 -11.20 1.50 -30.81
CA GLY A 141 -12.25 0.84 -30.06
C GLY A 141 -13.58 0.81 -30.79
N THR A 142 -13.90 1.86 -31.54
CA THR A 142 -15.15 1.91 -32.29
C THR A 142 -15.20 0.81 -33.34
N ALA A 143 -14.06 0.56 -33.97
CA ALA A 143 -13.98 -0.57 -34.90
C ALA A 143 -14.16 -1.91 -34.18
N LEU A 144 -13.51 -2.07 -33.02
CA LEU A 144 -13.55 -3.36 -32.33
C LEU A 144 -14.92 -3.65 -31.73
N LEU A 145 -15.62 -2.62 -31.24
CA LEU A 145 -16.91 -2.85 -30.59
C LEU A 145 -18.10 -2.70 -31.53
N GLY A 146 -17.87 -2.30 -32.78
CA GLY A 146 -18.92 -2.25 -33.77
C GLY A 146 -19.71 -0.95 -33.82
N ARG A 147 -19.38 0.03 -32.97
CA ARG A 147 -20.07 1.31 -32.93
C ARG A 147 -19.30 2.22 -31.97
N ARG A 148 -19.67 3.49 -31.99
CA ARG A 148 -19.07 4.49 -31.11
C ARG A 148 -19.78 4.36 -29.77
N ASP A 149 -19.08 3.83 -28.77
CA ASP A 149 -19.71 3.50 -27.49
C ASP A 149 -19.39 4.57 -26.45
N ILE A 150 -20.42 5.26 -25.96
CA ILE A 150 -20.29 6.28 -24.93
C ILE A 150 -20.60 5.58 -23.61
N VAL A 151 -19.65 5.59 -22.69
CA VAL A 151 -19.85 4.93 -21.39
C VAL A 151 -20.00 5.97 -20.30
N VAL A 152 -21.00 5.81 -19.44
CA VAL A 152 -21.13 6.58 -18.21
C VAL A 152 -20.94 5.56 -17.11
N SER A 153 -19.93 5.78 -16.27
CA SER A 153 -19.63 4.87 -15.19
C SER A 153 -19.86 5.59 -13.87
N TRP A 154 -20.82 5.09 -13.08
CA TRP A 154 -21.14 5.70 -11.80
C TRP A 154 -20.37 4.97 -10.70
N ARG A 155 -19.63 5.73 -9.90
CA ARG A 155 -18.93 5.16 -8.74
C ARG A 155 -19.92 4.64 -7.69
N GLY A 156 -19.53 3.56 -7.00
CA GLY A 156 -20.45 2.86 -6.11
C GLY A 156 -20.22 3.10 -4.61
N SER A 157 -20.53 2.07 -3.80
CA SER A 157 -20.42 2.14 -2.34
C SER A 157 -19.00 1.81 -1.88
N VAL A 158 -18.52 2.54 -0.90
CA VAL A 158 -17.29 2.12 -0.22
C VAL A 158 -17.60 1.45 1.13
N GLN A 159 -16.69 0.59 1.57
CA GLN A 159 -16.80 -0.05 2.88
C GLN A 159 -16.88 0.96 4.03
N GLU A 162 -20.31 -3.18 8.18
CA GLU A 162 -21.15 -2.75 7.06
C GLU A 162 -22.62 -2.97 7.42
N TRP A 163 -23.46 -2.00 7.06
CA TRP A 163 -24.86 -2.01 7.49
C TRP A 163 -25.78 -1.96 6.29
N VAL A 164 -26.70 -2.93 6.22
CA VAL A 164 -27.69 -2.89 5.18
C VAL A 164 -28.66 -1.72 5.37
N GLU A 165 -28.77 -1.18 6.57
CA GLU A 165 -29.62 -0.01 6.80
C GLU A 165 -29.10 1.22 6.06
N ASP A 166 -27.85 1.22 5.59
CA ASP A 166 -27.36 2.32 4.77
C ASP A 166 -28.19 2.52 3.52
N PHE A 167 -28.85 1.49 3.03
CA PHE A 167 -29.64 1.54 1.81
C PHE A 167 -31.11 1.85 2.04
N GLU A 168 -31.51 2.08 3.30
CA GLU A 168 -32.93 2.19 3.65
C GLU A 168 -33.30 3.66 3.76
N PHE A 169 -33.84 4.21 2.66
CA PHE A 169 -34.44 5.54 2.61
C PHE A 169 -35.88 5.41 2.07
N GLY A 170 -36.71 6.42 2.39
CA GLY A 170 -38.04 6.50 1.84
C GLY A 170 -38.12 7.09 0.43
N LEU A 171 -39.34 7.12 -0.12
CA LEU A 171 -39.57 7.56 -1.48
C LEU A 171 -39.84 9.07 -1.55
N VAL A 172 -39.41 9.70 -2.63
CA VAL A 172 -39.73 11.10 -2.87
C VAL A 172 -40.25 11.24 -4.30
N ASN A 173 -41.07 12.28 -4.51
CA ASN A 173 -41.64 12.50 -5.82
C ASN A 173 -40.55 12.99 -6.77
N ALA A 174 -40.53 12.45 -7.97
CA ALA A 174 -39.43 12.72 -8.90
C ALA A 174 -39.85 13.61 -10.08
N ILE A 175 -40.80 14.53 -9.87
CA ILE A 175 -41.29 15.35 -10.98
C ILE A 175 -40.20 16.20 -11.60
N LYS A 176 -39.23 16.65 -10.80
CA LYS A 176 -38.14 17.43 -11.35
C LYS A 176 -37.30 16.65 -12.34
N ILE A 177 -37.32 15.31 -12.26
CA ILE A 177 -36.59 14.51 -13.25
C ILE A 177 -37.49 14.14 -14.42
N PHE A 178 -38.66 13.59 -14.15
CA PHE A 178 -39.42 12.95 -15.20
C PHE A 178 -40.59 13.79 -15.71
N GLY A 179 -40.83 14.96 -15.14
CA GLY A 179 -41.79 15.91 -15.66
C GLY A 179 -43.19 15.65 -15.13
N GLU A 180 -44.04 16.68 -15.21
CA GLU A 180 -45.39 16.51 -14.69
C GLU A 180 -46.17 15.45 -15.45
N ARG A 181 -45.77 15.14 -16.69
CA ARG A 181 -46.40 14.03 -17.40
C ARG A 181 -46.16 12.67 -16.72
N ASN A 182 -45.17 12.57 -15.84
CA ASN A 182 -44.91 11.36 -15.05
C ASN A 182 -44.92 11.69 -13.56
N ASP A 183 -45.86 12.55 -13.14
CA ASP A 183 -45.79 13.09 -11.78
C ASP A 183 -46.10 12.06 -10.70
N GLN A 184 -46.47 10.83 -11.05
CA GLN A 184 -46.66 9.81 -10.03
C GLN A 184 -45.37 9.03 -9.71
N VAL A 185 -44.29 9.29 -10.44
CA VAL A 185 -43.08 8.48 -10.22
C VAL A 185 -42.42 8.91 -8.92
N GLN A 186 -42.05 7.92 -8.10
CA GLN A 186 -41.25 8.14 -6.90
C GLN A 186 -39.94 7.38 -6.97
N ILE A 187 -38.90 7.98 -6.38
CA ILE A 187 -37.53 7.47 -6.36
C ILE A 187 -37.04 7.47 -4.92
N HIS A 188 -36.21 6.48 -4.57
CA HIS A 188 -35.42 6.45 -3.33
C HIS A 188 -34.83 7.83 -3.01
N GLN A 189 -35.05 8.33 -1.78
CA GLN A 189 -34.60 9.68 -1.43
C GLN A 189 -33.08 9.82 -1.51
N GLY A 190 -32.35 8.79 -1.14
CA GLY A 190 -30.90 8.85 -1.19
C GLY A 190 -30.37 8.96 -2.61
N TRP A 191 -30.82 8.05 -3.50
CA TRP A 191 -30.35 8.15 -4.89
C TRP A 191 -30.76 9.48 -5.49
N TYR A 192 -31.99 9.91 -5.22
CA TYR A 192 -32.44 11.21 -5.73
C TYR A 192 -31.52 12.32 -5.25
N SER A 193 -31.19 12.34 -3.95
CA SER A 193 -30.40 13.44 -3.41
C SER A 193 -29.00 13.49 -4.02
N ILE A 194 -28.35 12.33 -4.17
CA ILE A 194 -27.00 12.32 -4.75
C ILE A 194 -27.04 12.71 -6.22
N TYR A 195 -28.07 12.27 -6.94
CA TYR A 195 -28.17 12.59 -8.37
C TYR A 195 -28.47 14.07 -8.59
N MET A 196 -29.26 14.67 -7.70
CA MET A 196 -29.88 15.97 -8.00
C MET A 196 -29.32 17.15 -7.22
N SER A 197 -28.60 16.92 -6.13
CA SER A 197 -28.24 18.02 -5.25
C SER A 197 -27.11 18.87 -5.85
N GLN A 198 -27.14 20.15 -5.53
CA GLN A 198 -26.09 21.08 -5.94
C GLN A 198 -25.52 21.79 -4.72
N ASP A 199 -24.30 22.28 -4.88
CA ASP A 199 -23.71 23.19 -3.90
C ASP A 199 -23.24 24.41 -4.66
N GLU A 200 -23.98 25.52 -4.49
CA GLU A 200 -23.75 26.77 -5.19
C GLU A 200 -22.34 27.30 -4.99
N ARG A 201 -21.72 27.00 -3.86
CA ARG A 201 -20.41 27.54 -3.57
C ARG A 201 -19.29 26.64 -4.04
N SER A 202 -19.61 25.48 -4.65
CA SER A 202 -18.59 24.49 -5.06
C SER A 202 -18.27 24.56 -6.53
N PRO A 203 -17.00 24.61 -6.93
CA PRO A 203 -16.67 24.48 -8.37
C PRO A 203 -16.98 23.10 -8.92
N PHE A 204 -17.23 22.11 -8.06
CA PHE A 204 -17.47 20.73 -8.47
C PHE A 204 -18.94 20.40 -8.61
N THR A 205 -19.79 20.87 -7.69
CA THR A 205 -21.20 20.48 -7.72
C THR A 205 -22.14 21.67 -7.79
N LYS A 206 -21.68 22.82 -8.26
CA LYS A 206 -22.65 23.89 -8.51
C LYS A 206 -23.70 23.45 -9.53
N THR A 207 -23.32 22.60 -10.49
CA THR A 207 -24.28 21.85 -11.29
C THR A 207 -24.35 20.42 -10.75
N ASN A 208 -25.54 19.83 -10.71
CA ASN A 208 -25.64 18.50 -10.06
C ASN A 208 -25.02 17.40 -10.94
N ALA A 209 -24.80 16.21 -10.34
CA ALA A 209 -24.20 15.10 -11.10
C ALA A 209 -25.00 14.76 -12.34
N ARG A 210 -26.33 14.73 -12.23
CA ARG A 210 -27.20 14.47 -13.36
C ARG A 210 -26.84 15.34 -14.56
N ASP A 211 -26.87 16.67 -14.36
CA ASP A 211 -26.70 17.58 -15.49
C ASP A 211 -25.27 17.58 -16.02
N GLN A 212 -24.27 17.30 -15.16
CA GLN A 212 -22.90 17.11 -15.67
C GLN A 212 -22.85 15.98 -16.69
N VAL A 213 -23.51 14.88 -16.37
CA VAL A 213 -23.54 13.71 -17.26
C VAL A 213 -24.34 14.04 -18.52
N LEU A 214 -25.51 14.66 -18.35
CA LEU A 214 -26.34 14.93 -19.54
C LEU A 214 -25.61 15.83 -20.52
N ARG A 215 -24.92 16.85 -20.00
CA ARG A 215 -24.20 17.77 -20.87
C ARG A 215 -23.11 17.06 -21.66
N GLU A 216 -22.30 16.25 -20.97
CA GLU A 216 -21.17 15.62 -21.64
C GLU A 216 -21.63 14.55 -22.62
N VAL A 217 -22.63 13.72 -22.24
CA VAL A 217 -23.21 12.79 -23.19
C VAL A 217 -23.75 13.54 -24.40
N GLY A 218 -24.37 14.69 -24.16
CA GLY A 218 -24.85 15.49 -25.28
C GLY A 218 -23.76 15.96 -26.22
N ARG A 219 -22.61 16.38 -25.68
CA ARG A 219 -21.48 16.79 -26.51
C ARG A 219 -21.01 15.62 -27.39
N LEU A 220 -20.93 14.43 -26.81
CA LEU A 220 -20.44 13.27 -27.57
C LEU A 220 -21.44 12.81 -28.63
N LEU A 221 -22.74 12.82 -28.31
CA LEU A 221 -23.74 12.48 -29.31
C LEU A 221 -23.70 13.46 -30.47
N GLU A 222 -23.47 14.73 -30.19
CA GLU A 222 -23.40 15.71 -31.28
C GLU A 222 -22.12 15.53 -32.12
N LYS A 223 -20.98 15.30 -31.46
CA LYS A 223 -19.74 15.04 -32.20
C LYS A 223 -19.91 13.88 -33.17
N TYR A 224 -20.51 12.79 -32.70
CA TYR A 224 -20.63 11.55 -33.45
C TYR A 224 -22.00 11.37 -34.07
N LYS A 225 -22.69 12.48 -34.37
CA LYS A 225 -24.07 12.42 -34.84
C LYS A 225 -24.20 11.65 -36.16
N ASP A 226 -23.15 11.59 -36.97
CA ASP A 226 -23.22 10.92 -38.27
C ASP A 226 -22.74 9.47 -38.24
N GLU A 227 -22.47 8.90 -37.06
CA GLU A 227 -22.02 7.51 -36.90
C GLU A 227 -23.03 6.72 -36.09
N GLU A 228 -22.87 5.40 -36.10
CA GLU A 228 -23.70 4.57 -35.22
C GLU A 228 -23.17 4.66 -33.80
N VAL A 229 -24.07 4.86 -32.82
CA VAL A 229 -23.66 5.21 -31.46
C VAL A 229 -24.47 4.37 -30.48
N SER A 230 -23.86 4.07 -29.35
CA SER A 230 -24.59 3.49 -28.22
C SER A 230 -24.18 4.21 -26.94
N ILE A 231 -25.07 4.20 -25.95
CA ILE A 231 -24.72 4.64 -24.60
C ILE A 231 -24.80 3.42 -23.69
N THR A 232 -23.72 3.12 -22.97
CA THR A 232 -23.69 2.04 -21.98
C THR A 232 -23.37 2.66 -20.64
N ILE A 233 -24.19 2.36 -19.64
CA ILE A 233 -24.07 2.93 -18.31
C ILE A 233 -23.76 1.78 -17.35
N CYS A 234 -22.74 1.97 -16.49
CA CYS A 234 -22.12 0.94 -15.67
C CYS A 234 -22.27 1.35 -14.21
N GLY A 235 -22.55 0.42 -13.31
CA GLY A 235 -22.40 0.75 -11.89
C GLY A 235 -22.69 -0.43 -11.00
N HIS A 236 -22.16 -0.34 -9.76
CA HIS A 236 -22.30 -1.36 -8.72
C HIS A 236 -22.82 -0.73 -7.43
N SER A 237 -23.79 -1.36 -6.78
CA SER A 237 -24.25 -0.92 -5.45
C SER A 237 -24.86 0.48 -5.59
N LEU A 238 -24.38 1.51 -4.87
CA LEU A 238 -24.85 2.86 -5.11
C LEU A 238 -24.75 3.21 -6.59
N GLY A 239 -23.65 2.82 -7.22
CA GLY A 239 -23.49 3.10 -8.64
C GLY A 239 -24.54 2.44 -9.49
N ALA A 240 -25.00 1.26 -9.07
CA ALA A 240 -26.02 0.55 -9.84
C ALA A 240 -27.33 1.32 -9.79
N ALA A 241 -27.68 1.88 -8.62
CA ALA A 241 -28.89 2.68 -8.51
C ALA A 241 -28.77 3.96 -9.36
N LEU A 242 -27.63 4.66 -9.26
CA LEU A 242 -27.47 5.85 -10.08
C LEU A 242 -27.46 5.48 -11.55
N ALA A 243 -26.87 4.34 -11.91
CA ALA A 243 -26.86 3.98 -13.34
C ALA A 243 -28.27 3.75 -13.84
N THR A 244 -29.08 3.11 -13.02
CA THR A 244 -30.45 2.80 -13.44
C THR A 244 -31.26 4.08 -13.56
N LEU A 245 -31.14 4.94 -12.55
CA LEU A 245 -31.83 6.24 -12.56
C LEU A 245 -31.40 7.09 -13.74
N SER A 246 -30.08 7.20 -13.98
CA SER A 246 -29.64 8.04 -15.10
C SER A 246 -30.05 7.46 -16.45
N ALA A 247 -30.04 6.13 -16.60
CA ALA A 247 -30.47 5.57 -17.88
C ALA A 247 -31.93 5.89 -18.16
N THR A 248 -32.77 5.80 -17.13
CA THR A 248 -34.19 6.06 -17.32
C THR A 248 -34.43 7.55 -17.58
N ASP A 249 -33.72 8.41 -16.85
CA ASP A 249 -33.75 9.86 -17.08
C ASP A 249 -33.38 10.18 -18.53
N ILE A 250 -32.27 9.61 -18.99
CA ILE A 250 -31.74 9.94 -20.31
C ILE A 250 -32.76 9.57 -21.39
N VAL A 251 -33.31 8.34 -21.32
CA VAL A 251 -34.22 7.91 -22.38
C VAL A 251 -35.57 8.63 -22.25
N ALA A 252 -36.09 8.73 -21.03
CA ALA A 252 -37.41 9.35 -20.86
C ALA A 252 -37.43 10.79 -21.32
N ASN A 253 -36.30 11.49 -21.21
CA ASN A 253 -36.22 12.92 -21.51
C ASN A 253 -35.53 13.19 -22.85
N GLY A 254 -35.19 12.13 -23.59
CA GLY A 254 -34.67 12.33 -24.93
C GLY A 254 -33.25 12.81 -24.98
N TYR A 255 -32.47 12.55 -23.93
CA TYR A 255 -31.08 12.94 -23.96
C TYR A 255 -30.20 11.94 -24.69
N ASN A 256 -30.79 10.88 -25.27
CA ASN A 256 -30.09 9.94 -26.15
C ASN A 256 -30.21 10.32 -27.62
N ARG A 257 -30.53 11.58 -27.90
CA ARG A 257 -30.58 12.13 -29.23
C ARG A 257 -29.61 13.29 -29.32
N PRO A 258 -28.83 13.39 -30.39
CA PRO A 258 -28.02 14.59 -30.59
C PRO A 258 -28.94 15.80 -30.74
N LYS A 259 -28.42 16.95 -30.33
CA LYS A 259 -29.23 18.17 -30.32
C LYS A 259 -29.74 18.51 -31.72
N SER A 260 -28.91 18.32 -32.73
CA SER A 260 -29.25 18.69 -34.10
C SER A 260 -29.88 17.55 -34.89
N ARG A 261 -30.11 16.39 -34.26
CA ARG A 261 -30.83 15.27 -34.88
C ARG A 261 -31.85 14.69 -33.90
N PRO A 262 -32.94 15.43 -33.62
CA PRO A 262 -33.94 14.89 -32.68
C PRO A 262 -34.59 13.60 -33.11
N ASP A 263 -34.43 13.16 -34.35
CA ASP A 263 -35.05 11.93 -34.80
C ASP A 263 -34.11 10.74 -34.81
N LYS A 264 -32.89 10.90 -34.29
CA LYS A 264 -31.91 9.82 -34.21
C LYS A 264 -31.77 9.42 -32.74
N SER A 265 -32.48 8.37 -32.34
CA SER A 265 -32.33 7.85 -31.00
C SER A 265 -31.15 6.88 -30.96
N CYS A 266 -30.46 6.86 -29.82
CA CYS A 266 -29.53 5.77 -29.77
C CYS A 266 -29.86 4.85 -28.58
N PRO A 267 -29.51 3.58 -28.66
CA PRO A 267 -29.84 2.67 -27.56
C PRO A 267 -29.08 3.04 -26.29
N VAL A 268 -29.75 2.90 -25.14
CA VAL A 268 -29.15 3.10 -23.83
C VAL A 268 -29.26 1.78 -23.07
N THR A 269 -28.12 1.19 -22.72
CA THR A 269 -28.09 -0.07 -22.00
C THR A 269 -27.32 0.16 -20.70
N ALA A 270 -27.87 -0.31 -19.59
CA ALA A 270 -27.15 -0.27 -18.30
C ALA A 270 -26.80 -1.68 -17.86
N PHE A 271 -25.52 -1.89 -17.56
CA PHE A 271 -25.05 -3.12 -16.95
C PHE A 271 -24.82 -2.78 -15.50
N VAL A 272 -25.67 -3.32 -14.62
CA VAL A 272 -25.55 -2.98 -13.21
C VAL A 272 -25.36 -4.23 -12.39
N PHE A 273 -24.74 -4.03 -11.22
CA PHE A 273 -24.26 -5.12 -10.38
C PHE A 273 -24.69 -4.86 -8.94
N ALA A 274 -25.29 -5.87 -8.30
CA ALA A 274 -25.65 -5.77 -6.89
C ALA A 274 -26.53 -4.54 -6.66
N SER A 275 -27.57 -4.43 -7.50
CA SER A 275 -28.38 -3.20 -7.52
C SER A 275 -29.40 -3.19 -6.39
N PRO A 276 -29.41 -2.19 -5.53
CA PRO A 276 -30.61 -1.94 -4.73
C PRO A 276 -31.76 -1.52 -5.62
N ARG A 277 -32.94 -1.46 -5.02
CA ARG A 277 -34.08 -0.95 -5.77
C ARG A 277 -33.99 0.57 -5.86
N VAL A 278 -34.61 1.12 -6.91
CA VAL A 278 -34.46 2.52 -7.25
C VAL A 278 -35.76 3.30 -7.10
N GLY A 279 -36.88 2.73 -7.55
CA GLY A 279 -38.12 3.49 -7.44
C GLY A 279 -39.33 2.63 -7.24
N ASP A 280 -40.52 3.25 -7.33
CA ASP A 280 -41.76 2.57 -7.00
C ASP A 280 -42.41 1.96 -8.25
N SER A 281 -43.68 1.50 -8.12
CA SER A 281 -44.36 0.88 -9.24
C SER A 281 -44.55 1.84 -10.40
N ASP A 282 -44.73 3.13 -10.14
CA ASP A 282 -44.86 4.07 -11.24
C ASP A 282 -43.54 4.26 -11.96
N PHE A 283 -42.43 4.22 -11.22
CA PHE A 283 -41.11 4.21 -11.87
C PHE A 283 -40.98 3.00 -12.79
N ARG A 284 -41.42 1.83 -12.33
CA ARG A 284 -41.37 0.66 -13.20
C ARG A 284 -42.27 0.83 -14.41
N LYS A 285 -43.46 1.42 -14.23
CA LYS A 285 -44.37 1.59 -15.36
C LYS A 285 -43.78 2.54 -16.40
N LEU A 286 -43.21 3.65 -15.96
CA LEU A 286 -42.48 4.53 -16.87
C LEU A 286 -41.41 3.75 -17.63
N PHE A 287 -40.58 3.00 -16.89
CA PHE A 287 -39.48 2.25 -17.48
C PHE A 287 -39.98 1.27 -18.54
N SER A 288 -41.11 0.58 -18.27
CA SER A 288 -41.62 -0.43 -19.19
C SER A 288 -42.06 0.15 -20.52
N GLY A 289 -42.38 1.44 -20.58
CA GLY A 289 -42.82 2.06 -21.81
C GLY A 289 -41.73 2.63 -22.69
N LEU A 290 -40.47 2.58 -22.24
CA LEU A 290 -39.35 3.15 -23.00
C LEU A 290 -38.78 2.08 -23.93
N GLU A 291 -38.88 2.31 -25.24
CA GLU A 291 -38.42 1.25 -26.15
C GLU A 291 -36.89 1.18 -26.26
N ASP A 292 -36.18 2.29 -26.03
CA ASP A 292 -34.75 2.32 -26.30
C ASP A 292 -33.88 1.99 -25.08
N ILE A 293 -34.47 1.61 -23.96
CA ILE A 293 -33.67 1.34 -22.76
C ILE A 293 -33.61 -0.18 -22.53
N ARG A 294 -32.48 -0.65 -22.00
CA ARG A 294 -32.32 -2.02 -21.55
C ARG A 294 -31.44 -1.99 -20.30
N VAL A 295 -31.79 -2.78 -19.29
CA VAL A 295 -30.97 -2.89 -18.09
C VAL A 295 -30.78 -4.37 -17.78
N LEU A 296 -29.53 -4.79 -17.56
CA LEU A 296 -29.28 -6.14 -17.09
C LEU A 296 -28.73 -6.01 -15.68
N ARG A 297 -29.49 -6.51 -14.70
CA ARG A 297 -29.10 -6.50 -13.29
C ARG A 297 -28.46 -7.84 -12.95
N THR A 298 -27.15 -7.85 -12.75
CA THR A 298 -26.51 -9.07 -12.30
C THR A 298 -26.66 -9.15 -10.79
N ARG A 299 -27.09 -10.31 -10.29
CA ARG A 299 -27.53 -10.45 -8.90
C ARG A 299 -26.85 -11.68 -8.32
N ASN A 300 -26.07 -11.48 -7.27
CA ASN A 300 -25.46 -12.60 -6.54
C ASN A 300 -26.46 -13.09 -5.50
N LEU A 301 -26.90 -14.34 -5.61
CA LEU A 301 -27.97 -14.82 -4.72
C LEU A 301 -27.68 -14.65 -3.22
N PRO A 302 -26.45 -14.87 -2.71
CA PRO A 302 -26.24 -14.69 -1.25
C PRO A 302 -26.07 -13.25 -0.81
N ASP A 303 -26.02 -12.30 -1.75
CA ASP A 303 -25.87 -10.88 -1.45
C ASP A 303 -27.26 -10.31 -1.14
N VAL A 304 -27.43 -9.78 0.08
CA VAL A 304 -28.76 -9.29 0.44
C VAL A 304 -29.03 -7.86 -0.01
N ILE A 305 -28.01 -7.11 -0.45
CA ILE A 305 -28.24 -5.72 -0.86
C ILE A 305 -29.29 -5.57 -1.94
N PRO A 306 -29.35 -6.41 -2.99
CA PRO A 306 -30.40 -6.21 -4.00
C PRO A 306 -31.84 -6.38 -3.49
N ILE A 307 -32.04 -6.81 -2.25
CA ILE A 307 -33.36 -6.85 -1.64
C ILE A 307 -33.77 -5.49 -1.09
N TYR A 308 -32.82 -4.56 -0.94
CA TYR A 308 -33.11 -3.31 -0.22
C TYR A 308 -33.36 -2.18 -1.18
N PRO A 309 -34.27 -1.26 -0.82
CA PRO A 309 -35.13 -1.38 0.39
C PRO A 309 -36.24 -2.42 0.14
N PRO A 310 -36.64 -3.13 1.20
CA PRO A 310 -37.52 -4.29 0.99
C PRO A 310 -38.99 -3.95 0.76
N ILE A 311 -39.43 -2.76 1.13
CA ILE A 311 -40.85 -2.46 1.12
C ILE A 311 -41.11 -1.20 0.30
N GLY A 312 -42.04 -1.29 -0.65
CA GLY A 312 -42.50 -0.13 -1.36
C GLY A 312 -41.88 0.08 -2.72
N TYR A 313 -40.88 -0.72 -3.09
CA TYR A 313 -40.11 -0.52 -4.32
C TYR A 313 -40.35 -1.61 -5.35
N SER A 314 -40.11 -1.27 -6.61
CA SER A 314 -40.15 -2.25 -7.68
C SER A 314 -38.77 -2.37 -8.29
N GLU A 315 -38.52 -3.50 -8.92
CA GLU A 315 -37.31 -3.66 -9.72
C GLU A 315 -37.63 -3.34 -11.17
N VAL A 316 -36.58 -2.96 -11.93
CA VAL A 316 -36.74 -2.74 -13.37
C VAL A 316 -35.67 -3.55 -14.08
N GLY A 317 -35.96 -3.90 -15.32
CA GLY A 317 -34.99 -4.53 -16.19
C GLY A 317 -34.98 -6.03 -16.09
N ASP A 318 -34.01 -6.62 -16.78
CA ASP A 318 -33.78 -8.05 -16.81
C ASP A 318 -32.76 -8.43 -15.74
N GLU A 319 -32.94 -9.61 -15.15
CA GLU A 319 -32.06 -10.08 -14.10
C GLU A 319 -31.19 -11.22 -14.59
N PHE A 320 -29.94 -11.26 -14.13
CA PHE A 320 -29.01 -12.36 -14.38
C PHE A 320 -28.47 -12.84 -13.05
N PRO A 321 -28.95 -13.97 -12.54
CA PRO A 321 -28.48 -14.45 -11.24
C PRO A 321 -27.21 -15.28 -11.34
N ILE A 322 -26.35 -15.11 -10.33
CA ILE A 322 -25.14 -15.89 -10.13
C ILE A 322 -25.12 -16.29 -8.66
N ASP A 323 -24.18 -17.17 -8.30
CA ASP A 323 -24.06 -17.58 -6.90
C ASP A 323 -22.59 -17.87 -6.61
N THR A 324 -21.90 -16.90 -6.02
CA THR A 324 -20.49 -17.08 -5.77
C THR A 324 -20.21 -18.12 -4.67
N ARG A 325 -21.21 -18.57 -3.90
CA ARG A 325 -20.95 -19.68 -2.99
C ARG A 325 -20.48 -20.93 -3.74
N LYS A 326 -20.74 -21.00 -5.04
CA LYS A 326 -20.36 -22.17 -5.83
C LYS A 326 -18.91 -22.15 -6.25
N SER A 327 -18.24 -21.01 -6.09
CA SER A 327 -16.83 -20.95 -6.42
C SER A 327 -15.98 -21.67 -5.38
N PRO A 328 -15.13 -22.62 -5.78
CA PRO A 328 -14.22 -23.24 -4.82
C PRO A 328 -13.04 -22.35 -4.46
N TYR A 329 -12.93 -21.18 -5.08
CA TYR A 329 -11.86 -20.24 -4.77
C TYR A 329 -12.20 -19.32 -3.59
N MET A 330 -13.49 -19.14 -3.28
CA MET A 330 -13.94 -18.14 -2.32
C MET A 330 -13.98 -18.73 -0.92
N LYS A 331 -13.57 -17.91 0.04
CA LYS A 331 -13.57 -18.31 1.42
C LYS A 331 -14.99 -18.59 1.88
N SER A 332 -15.16 -19.64 2.66
CA SER A 332 -16.48 -20.05 3.09
C SER A 332 -16.45 -20.14 4.61
N PRO A 333 -17.51 -19.67 5.30
CA PRO A 333 -18.66 -18.97 4.77
C PRO A 333 -18.29 -17.54 4.41
N GLY A 334 -18.99 -16.96 3.44
CA GLY A 334 -18.82 -15.56 3.12
C GLY A 334 -19.49 -14.66 4.17
N ASN A 335 -19.41 -13.35 3.92
CA ASN A 335 -20.10 -12.38 4.77
C ASN A 335 -20.67 -11.28 3.88
N LEU A 336 -21.26 -10.26 4.52
CA LEU A 336 -21.89 -9.17 3.77
C LEU A 336 -20.94 -8.59 2.74
N ALA A 337 -19.70 -8.30 3.14
CA ALA A 337 -18.76 -7.66 2.24
C ALA A 337 -18.36 -8.59 1.10
N THR A 338 -18.04 -9.86 1.39
CA THR A 338 -17.56 -10.72 0.31
C THR A 338 -18.67 -11.09 -0.67
N PHE A 339 -19.91 -11.21 -0.21
CA PHE A 339 -21.00 -11.52 -1.14
C PHE A 339 -21.35 -10.31 -1.98
N HIS A 340 -21.09 -9.10 -1.46
CA HIS A 340 -21.46 -7.88 -2.18
C HIS A 340 -20.37 -7.37 -3.12
N CYS A 341 -19.09 -7.67 -2.84
CA CYS A 341 -18.00 -6.93 -3.50
C CYS A 341 -18.00 -7.16 -5.01
N LEU A 342 -17.70 -6.08 -5.75
CA LEU A 342 -17.81 -6.14 -7.21
C LEU A 342 -16.83 -7.14 -7.83
N GLU A 343 -15.57 -7.20 -7.37
CA GLU A 343 -14.66 -8.18 -7.97
C GLU A 343 -15.12 -9.61 -7.69
N GLY A 344 -15.77 -9.82 -6.55
CA GLY A 344 -16.43 -11.11 -6.34
C GLY A 344 -17.51 -11.39 -7.36
N TYR A 345 -18.33 -10.38 -7.65
CA TYR A 345 -19.34 -10.52 -8.71
C TYR A 345 -18.69 -10.88 -10.04
N LEU A 346 -17.60 -10.19 -10.40
CA LEU A 346 -17.02 -10.46 -11.71
C LEU A 346 -16.31 -11.81 -11.76
N HIS A 347 -15.76 -12.25 -10.63
CA HIS A 347 -15.31 -13.63 -10.53
C HIS A 347 -16.48 -14.61 -10.71
N GLY A 348 -17.61 -14.31 -10.09
CA GLY A 348 -18.78 -15.15 -10.27
C GLY A 348 -19.24 -15.21 -11.71
N VAL A 349 -19.25 -14.07 -12.40
CA VAL A 349 -19.59 -14.08 -13.82
C VAL A 349 -18.59 -14.91 -14.61
N ALA A 350 -17.29 -14.76 -14.28
CA ALA A 350 -16.26 -15.47 -15.03
C ALA A 350 -16.43 -16.98 -14.96
N GLY A 351 -16.98 -17.50 -13.87
CA GLY A 351 -17.00 -18.94 -13.76
C GLY A 351 -18.39 -19.55 -13.59
N THR A 352 -19.43 -18.73 -13.53
CA THR A 352 -20.76 -19.31 -13.35
C THR A 352 -21.12 -20.29 -14.47
N GLN A 353 -21.68 -21.44 -14.07
CA GLN A 353 -22.30 -22.34 -15.03
C GLN A 353 -23.78 -22.54 -14.69
N GLY A 354 -24.37 -21.61 -13.95
CA GLY A 354 -25.75 -21.70 -13.51
C GLY A 354 -25.84 -21.62 -11.98
N THR A 355 -27.07 -21.41 -11.51
CA THR A 355 -27.27 -21.34 -10.06
C THR A 355 -27.97 -22.57 -9.48
N ASN A 356 -28.27 -23.57 -10.28
CA ASN A 356 -28.83 -24.80 -9.74
C ASN A 356 -27.79 -25.53 -8.89
N LYS A 357 -28.28 -26.29 -7.91
CA LYS A 357 -27.42 -27.11 -7.05
C LYS A 357 -26.42 -27.91 -7.87
N ALA A 358 -26.84 -28.42 -9.01
CA ALA A 358 -26.02 -29.33 -9.82
C ALA A 358 -25.09 -28.60 -10.79
N ASP A 359 -25.20 -27.29 -10.93
CA ASP A 359 -24.32 -26.62 -11.87
C ASP A 359 -22.93 -26.41 -11.24
N LEU A 360 -21.87 -26.84 -11.92
CA LEU A 360 -20.55 -26.77 -11.30
C LEU A 360 -19.75 -25.57 -11.80
N PHE A 361 -19.32 -24.72 -10.88
CA PHE A 361 -18.52 -23.54 -11.21
C PHE A 361 -17.23 -23.92 -11.95
N ARG A 362 -16.92 -23.13 -12.97
CA ARG A 362 -15.71 -23.35 -13.78
C ARG A 362 -15.35 -22.05 -14.49
N LEU A 363 -14.14 -21.55 -14.26
CA LEU A 363 -13.72 -20.33 -14.96
C LEU A 363 -13.62 -20.59 -16.46
N ASP A 364 -14.39 -19.84 -17.24
CA ASP A 364 -14.37 -19.95 -18.70
C ASP A 364 -13.76 -18.71 -19.36
N VAL A 365 -13.22 -17.77 -18.56
CA VAL A 365 -12.32 -16.74 -19.05
C VAL A 365 -11.11 -16.73 -18.13
N GLU A 366 -9.99 -16.17 -18.61
CA GLU A 366 -8.73 -16.17 -17.85
C GLU A 366 -8.67 -15.00 -16.85
N ARG A 367 -9.63 -14.94 -15.95
CA ARG A 367 -9.72 -13.79 -15.05
C ARG A 367 -8.96 -14.09 -13.75
N ALA A 368 -7.95 -13.27 -13.43
CA ALA A 368 -7.11 -13.53 -12.28
C ALA A 368 -7.92 -13.56 -10.99
N ILE A 369 -7.86 -14.67 -10.26
CA ILE A 369 -8.67 -14.74 -9.04
C ILE A 369 -8.20 -13.72 -8.04
N GLY A 370 -6.92 -13.35 -8.08
CA GLY A 370 -6.42 -12.38 -7.09
C GLY A 370 -7.20 -11.06 -7.08
N LEU A 371 -7.88 -10.72 -8.18
CA LEU A 371 -8.60 -9.46 -8.23
C LEU A 371 -9.68 -9.38 -7.16
N VAL A 372 -10.23 -10.53 -6.76
CA VAL A 372 -11.26 -10.59 -5.74
C VAL A 372 -10.83 -9.87 -4.47
N ASN A 373 -9.53 -9.90 -4.16
CA ASN A 373 -9.09 -9.41 -2.86
C ASN A 373 -8.67 -7.93 -2.86
N LYS A 374 -9.06 -7.14 -3.86
CA LYS A 374 -8.70 -5.71 -3.84
C LYS A 374 -9.16 -5.05 -2.56
N SER A 375 -10.39 -5.31 -2.13
CA SER A 375 -10.88 -4.57 -0.97
C SER A 375 -11.53 -5.47 0.07
N VAL A 376 -11.40 -6.79 -0.06
CA VAL A 376 -11.95 -7.74 0.90
C VAL A 376 -10.94 -8.85 1.11
N ASP A 377 -11.14 -9.61 2.20
CA ASP A 377 -10.48 -10.89 2.43
C ASP A 377 -11.44 -11.96 1.90
N GLY A 378 -11.42 -12.17 0.59
CA GLY A 378 -12.48 -12.95 -0.03
C GLY A 378 -12.07 -14.32 -0.52
N LEU A 379 -10.79 -14.53 -0.83
CA LEU A 379 -10.34 -15.81 -1.34
C LEU A 379 -9.97 -16.75 -0.20
N LYS A 380 -10.05 -18.06 -0.48
CA LYS A 380 -9.52 -19.02 0.48
C LYS A 380 -8.03 -18.74 0.73
N ASP A 381 -7.58 -19.01 1.96
CA ASP A 381 -6.18 -18.75 2.28
C ASP A 381 -5.25 -19.53 1.37
N GLU A 382 -5.68 -20.71 0.91
CA GLU A 382 -4.87 -21.53 0.01
C GLU A 382 -4.52 -20.83 -1.29
N CYS A 383 -5.31 -19.83 -1.71
CA CYS A 383 -4.98 -19.11 -2.94
C CYS A 383 -3.72 -18.25 -2.79
N MET A 384 -3.28 -18.00 -1.54
CA MET A 384 -2.04 -17.28 -1.25
C MET A 384 -2.03 -15.85 -1.83
N VAL A 385 -3.18 -15.21 -1.80
CA VAL A 385 -3.32 -13.80 -2.20
C VAL A 385 -3.64 -12.99 -0.97
N PRO A 386 -2.88 -11.93 -0.67
CA PRO A 386 -3.19 -11.11 0.51
C PRO A 386 -4.59 -10.51 0.45
N GLY A 387 -5.21 -10.34 1.62
CA GLY A 387 -6.51 -9.70 1.68
C GLY A 387 -6.40 -8.18 1.56
N LYS A 388 -7.46 -7.55 1.02
CA LYS A 388 -7.56 -6.09 0.93
C LYS A 388 -6.28 -5.43 0.42
N TRP A 389 -5.84 -5.84 -0.77
CA TRP A 389 -4.50 -5.44 -1.15
C TRP A 389 -4.42 -4.11 -1.89
N ARG A 390 -5.52 -3.53 -2.36
CA ARG A 390 -5.43 -2.33 -3.19
C ARG A 390 -4.98 -1.13 -2.34
N VAL A 391 -3.87 -0.51 -2.72
CA VAL A 391 -3.33 0.65 -2.01
C VAL A 391 -2.23 1.28 -2.86
N LEU A 392 -2.11 2.61 -2.83
CA LEU A 392 -0.97 3.22 -3.48
C LEU A 392 0.32 2.86 -2.75
N LYS A 393 1.43 2.90 -3.48
CA LYS A 393 2.71 2.71 -2.79
C LYS A 393 2.85 3.73 -1.67
N ASN A 394 3.17 3.26 -0.45
CA ASN A 394 3.38 4.15 0.68
C ASN A 394 2.15 5.02 0.97
N LYS A 395 0.97 4.50 0.61
CA LYS A 395 -0.29 5.25 0.74
C LYS A 395 -0.24 6.59 0.00
N GLY A 396 0.67 6.72 -0.96
CA GLY A 396 0.84 7.93 -1.74
C GLY A 396 1.93 8.86 -1.24
N MET A 397 2.46 8.65 -0.03
CA MET A 397 3.66 9.39 0.40
C MET A 397 4.77 9.18 -0.62
N ALA A 398 5.48 10.26 -0.94
CA ALA A 398 6.46 10.22 -2.02
C ALA A 398 7.62 11.15 -1.70
N GLN A 399 8.82 10.65 -1.87
CA GLN A 399 10.00 11.50 -1.77
C GLN A 399 10.05 12.44 -2.96
N GLN A 400 10.21 13.74 -2.69
CA GLN A 400 10.33 14.79 -3.68
C GLN A 400 11.80 15.02 -4.00
N ASP A 401 12.06 15.80 -5.07
CA ASP A 401 13.44 15.92 -5.53
C ASP A 401 14.30 16.75 -4.59
N ASP A 402 13.70 17.52 -3.66
CA ASP A 402 14.48 18.25 -2.67
C ASP A 402 14.63 17.49 -1.35
N GLY A 403 14.26 16.21 -1.31
CA GLY A 403 14.35 15.40 -0.11
C GLY A 403 13.13 15.45 0.80
N SER A 404 12.18 16.34 0.55
CA SER A 404 10.97 16.35 1.36
C SER A 404 10.11 15.12 1.03
N TRP A 405 9.16 14.81 1.93
CA TRP A 405 8.26 13.67 1.76
C TRP A 405 6.85 14.23 1.87
N GLU A 406 6.06 14.07 0.82
CA GLU A 406 4.74 14.69 0.77
C GLU A 406 3.71 13.65 0.34
N LEU A 407 2.47 13.85 0.76
CA LEU A 407 1.38 12.94 0.37
C LEU A 407 0.94 13.32 -1.04
N VAL A 408 1.30 12.50 -2.00
CA VAL A 408 1.02 12.73 -3.42
C VAL A 408 0.07 11.64 -3.87
N ASP A 409 -1.20 11.78 -3.46
CA ASP A 409 -2.22 10.77 -3.74
C ASP A 409 -3.28 11.30 -4.69
N HIS A 410 -2.97 12.37 -5.42
CA HIS A 410 -3.95 13.00 -6.31
C HIS A 410 -3.21 13.62 -7.49
N GLU A 411 -3.50 13.13 -8.70
CA GLU A 411 -3.06 13.75 -9.93
C GLU A 411 -3.90 14.98 -10.27
N ILE A 412 -3.25 16.08 -10.60
CA ILE A 412 -4.01 17.29 -10.89
C ILE A 412 -4.77 17.12 -12.19
N ASP A 413 -6.07 17.46 -12.17
CA ASP A 413 -6.86 17.52 -13.38
C ASP A 413 -8.00 18.51 -13.14
N ASP A 414 -7.95 19.64 -13.86
CA ASP A 414 -8.98 20.67 -13.73
C ASP A 414 -10.31 20.26 -14.32
N ASN A 415 -10.35 19.13 -15.04
CA ASN A 415 -11.58 18.59 -15.60
C ASN A 415 -12.19 19.50 -16.65
N GLU A 416 -11.43 20.43 -17.25
CA GLU A 416 -12.00 21.24 -18.32
C GLU A 416 -12.39 20.37 -19.49
N ASP A 417 -13.49 20.74 -20.14
CA ASP A 417 -13.94 20.12 -21.37
C ASP A 417 -12.77 19.88 -22.31
N LEU A 418 -12.73 18.70 -22.92
CA LEU A 418 -11.69 18.43 -23.90
C LEU A 418 -12.13 19.02 -25.23
N ASP A 419 -11.16 19.38 -26.06
CA ASP A 419 -11.53 20.07 -27.29
C ASP A 419 -11.99 19.01 -28.29
N PHE A 420 -13.30 18.94 -28.52
CA PHE A 420 -13.84 18.07 -29.56
C PHE A 420 -15.22 18.57 -30.00
N ARG B 18 33.37 18.62 3.17
CA ARG B 18 34.69 18.19 3.63
C ARG B 18 34.73 17.97 5.16
N GLU B 19 33.73 18.48 5.86
CA GLU B 19 33.78 18.46 7.33
C GLU B 19 33.76 17.03 7.88
N PHE B 20 32.92 16.16 7.34
CA PHE B 20 32.88 14.80 7.84
C PHE B 20 34.19 14.07 7.59
N ALA B 21 34.79 14.26 6.43
CA ALA B 21 36.03 13.55 6.18
C ALA B 21 37.12 13.98 7.16
N LYS B 22 37.18 15.28 7.48
CA LYS B 22 38.27 15.75 8.33
C LYS B 22 38.12 15.23 9.74
N ARG B 23 36.87 15.12 10.19
CA ARG B 23 36.60 14.86 11.60
C ARG B 23 36.11 13.44 11.86
N TRP B 24 36.20 12.53 10.88
CA TRP B 24 35.46 11.27 11.01
C TRP B 24 35.89 10.46 12.24
N ARG B 25 37.17 10.50 12.62
CA ARG B 25 37.57 9.69 13.78
C ARG B 25 36.89 10.16 15.06
N ASP B 26 36.80 11.48 15.27
CA ASP B 26 36.07 11.96 16.42
C ASP B 26 34.57 11.67 16.28
N LEU B 27 34.02 11.82 15.08
CA LEU B 27 32.60 11.54 14.90
C LEU B 27 32.29 10.07 15.13
N SER B 28 33.24 9.18 14.80
CA SER B 28 33.14 7.74 15.10
C SER B 28 33.65 7.38 16.49
N GLY B 29 33.85 8.38 17.35
CA GLY B 29 33.99 8.13 18.77
C GLY B 29 35.38 7.99 19.32
N GLN B 30 36.40 8.47 18.60
CA GLN B 30 37.78 8.28 19.03
C GLN B 30 37.99 8.75 20.46
N ASN B 31 37.45 9.92 20.81
CA ASN B 31 37.49 10.42 22.19
C ASN B 31 36.15 10.24 22.92
N HIS B 32 35.45 9.13 22.66
CA HIS B 32 34.18 8.79 23.31
C HIS B 32 33.14 9.90 23.22
N TRP B 33 33.20 10.68 22.14
CA TRP B 33 32.27 11.78 21.86
C TRP B 33 32.31 12.84 22.96
N LYS B 34 33.44 12.94 23.69
CA LYS B 34 33.54 13.98 24.70
C LYS B 34 33.40 15.35 24.06
N GLY B 35 32.63 16.22 24.71
CA GLY B 35 32.36 17.53 24.18
C GLY B 35 31.36 17.58 23.04
N MET B 36 30.87 16.42 22.57
CA MET B 36 30.05 16.39 21.37
C MET B 36 28.58 16.05 21.63
N LEU B 37 28.19 15.75 22.87
CA LEU B 37 26.85 15.23 23.15
C LEU B 37 25.94 16.24 23.84
N GLN B 38 26.45 16.97 24.83
CA GLN B 38 25.69 18.06 25.46
C GLN B 38 26.57 19.32 25.37
N PRO B 39 26.24 20.24 24.46
CA PRO B 39 25.15 20.15 23.48
C PRO B 39 25.53 19.22 22.32
N LEU B 40 24.57 18.87 21.46
CA LEU B 40 24.87 17.96 20.35
C LEU B 40 25.63 18.70 19.26
N ASP B 41 26.82 18.19 18.96
CA ASP B 41 27.65 18.69 17.87
C ASP B 41 26.90 18.55 16.55
N GLN B 42 26.92 19.60 15.72
CA GLN B 42 26.04 19.60 14.55
C GLN B 42 26.49 18.58 13.52
N ASP B 43 27.80 18.38 13.34
CA ASP B 43 28.22 17.31 12.45
C ASP B 43 27.77 15.96 12.98
N LEU B 44 27.88 15.76 14.29
CA LEU B 44 27.49 14.48 14.87
C LEU B 44 26.00 14.26 14.73
N ARG B 45 25.20 15.32 14.81
CA ARG B 45 23.75 15.19 14.57
C ARG B 45 23.48 14.53 13.21
N GLU B 46 24.16 15.02 12.17
CA GLU B 46 23.96 14.43 10.85
C GLU B 46 24.58 13.05 10.75
N TYR B 47 25.71 12.83 11.43
CA TYR B 47 26.41 11.54 11.37
C TYR B 47 25.56 10.44 11.99
N ILE B 48 24.96 10.72 13.16
CA ILE B 48 24.10 9.73 13.81
C ILE B 48 22.91 9.38 12.93
N ILE B 49 22.28 10.40 12.33
CA ILE B 49 21.11 10.16 11.47
C ILE B 49 21.53 9.33 10.26
N HIS B 50 22.71 9.60 9.72
CA HIS B 50 23.23 8.85 8.57
C HIS B 50 23.27 7.35 8.87
N TYR B 51 23.83 6.96 10.01
CA TYR B 51 23.90 5.54 10.30
C TYR B 51 22.56 4.99 10.79
N GLY B 52 21.75 5.81 11.47
CA GLY B 52 20.39 5.37 11.80
C GLY B 52 19.57 5.09 10.56
N GLU B 53 19.78 5.87 9.48
CA GLU B 53 19.07 5.60 8.24
C GLU B 53 19.49 4.25 7.66
N MET B 54 20.76 3.89 7.81
CA MET B 54 21.17 2.60 7.26
C MET B 54 20.57 1.43 8.04
N ALA B 55 20.21 1.64 9.32
CA ALA B 55 19.46 0.63 10.07
C ALA B 55 17.97 0.63 9.70
N GLN B 56 17.37 1.82 9.53
CA GLN B 56 15.97 1.89 9.09
C GLN B 56 15.80 1.24 7.71
N ALA B 57 16.81 1.31 6.85
CA ALA B 57 16.69 0.66 5.54
C ALA B 57 16.39 -0.82 5.68
N GLY B 58 16.87 -1.44 6.76
CA GLY B 58 16.56 -2.84 7.04
C GLY B 58 15.08 -3.06 7.27
N TYR B 59 14.43 -2.15 8.01
CA TYR B 59 12.97 -2.21 8.14
C TYR B 59 12.29 -1.97 6.80
N ASP B 60 12.85 -1.10 5.97
CA ASP B 60 12.12 -0.72 4.77
C ASP B 60 12.18 -1.80 3.70
N THR B 61 13.11 -2.76 3.82
CA THR B 61 13.15 -3.89 2.90
C THR B 61 12.61 -5.17 3.51
N PHE B 62 12.33 -5.20 4.81
CA PHE B 62 11.96 -6.46 5.43
C PHE B 62 10.47 -6.75 5.21
N ASN B 63 10.16 -7.90 4.62
CA ASN B 63 8.78 -8.22 4.28
C ASN B 63 8.05 -8.73 5.52
N ILE B 64 7.03 -7.99 5.98
CA ILE B 64 6.35 -8.33 7.23
C ILE B 64 4.94 -8.85 6.98
N ASN B 65 4.60 -9.18 5.74
CA ASN B 65 3.24 -9.63 5.41
C ASN B 65 3.16 -11.14 5.53
N THR B 66 2.64 -11.64 6.67
CA THR B 66 2.64 -13.08 6.88
C THR B 66 1.72 -13.82 5.91
N GLU B 67 0.91 -13.09 5.14
CA GLU B 67 0.12 -13.71 4.07
C GLU B 67 0.96 -14.00 2.83
N SER B 68 2.17 -13.45 2.74
CA SER B 68 3.06 -13.73 1.63
C SER B 68 3.95 -14.95 1.90
N GLN B 69 4.28 -15.67 0.82
CA GLN B 69 5.28 -16.74 0.87
C GLN B 69 6.68 -16.23 1.16
N PHE B 70 6.92 -14.92 0.95
CA PHE B 70 8.23 -14.32 1.21
C PHE B 70 8.26 -13.50 2.49
N ALA B 71 7.27 -13.67 3.37
CA ALA B 71 7.34 -13.04 4.69
C ALA B 71 8.66 -13.41 5.36
N GLY B 72 9.38 -12.40 5.85
CA GLY B 72 10.67 -12.61 6.48
C GLY B 72 11.87 -12.53 5.57
N ALA B 73 11.67 -12.33 4.26
CA ALA B 73 12.75 -12.13 3.32
C ALA B 73 12.89 -10.65 3.04
N SER B 74 13.94 -10.30 2.29
CA SER B 74 14.06 -8.93 1.79
C SER B 74 13.17 -8.69 0.57
N ILE B 75 12.54 -7.52 0.53
CA ILE B 75 11.80 -7.10 -0.68
C ILE B 75 12.77 -6.80 -1.82
N TYR B 76 13.77 -5.96 -1.55
CA TYR B 76 14.68 -5.46 -2.58
C TYR B 76 15.94 -6.32 -2.65
N SER B 77 16.49 -6.40 -3.87
CA SER B 77 17.79 -7.02 -4.06
C SER B 77 18.91 -6.05 -3.68
N ARG B 78 20.14 -6.59 -3.68
CA ARG B 78 21.31 -5.80 -3.33
C ARG B 78 21.53 -4.68 -4.32
N LYS B 79 21.24 -4.92 -5.58
CA LYS B 79 21.56 -3.93 -6.62
C LYS B 79 20.76 -2.65 -6.41
N ASP B 80 21.45 -1.51 -6.41
CA ASP B 80 20.86 -0.17 -6.22
C ASP B 80 19.99 -0.10 -4.97
N PHE B 81 20.42 -0.83 -3.92
CA PHE B 81 19.57 -1.00 -2.76
C PHE B 81 19.20 0.33 -2.12
N PHE B 82 20.17 1.23 -1.94
CA PHE B 82 19.86 2.47 -1.22
C PHE B 82 18.93 3.37 -2.02
N ALA B 83 19.03 3.35 -3.35
CA ALA B 83 18.06 4.06 -4.18
C ALA B 83 16.66 3.49 -4.02
N LYS B 84 16.54 2.18 -3.80
CA LYS B 84 15.23 1.56 -3.69
C LYS B 84 14.53 1.88 -2.37
N VAL B 85 15.28 2.21 -1.31
CA VAL B 85 14.66 2.51 -0.02
C VAL B 85 14.72 4.00 0.31
N GLY B 86 14.80 4.84 -0.71
CA GLY B 86 14.70 6.26 -0.46
C GLY B 86 15.94 6.96 0.06
N LEU B 87 17.13 6.36 -0.10
CA LEU B 87 18.36 6.92 0.44
C LEU B 87 19.33 7.31 -0.67
N GLU B 88 18.83 7.88 -1.78
CA GLU B 88 19.70 8.46 -2.81
C GLU B 88 19.40 9.94 -3.00
N ILE B 89 18.15 10.28 -3.33
CA ILE B 89 17.73 11.67 -3.41
C ILE B 89 18.09 12.37 -2.10
N ALA B 90 18.80 13.50 -2.22
CA ALA B 90 19.18 14.33 -1.06
C ALA B 90 20.00 13.57 -0.02
N HIS B 91 20.71 12.54 -0.47
CA HIS B 91 21.63 11.76 0.37
C HIS B 91 22.98 11.64 -0.33
N PRO B 92 23.67 12.76 -0.56
CA PRO B 92 24.95 12.70 -1.28
C PRO B 92 26.03 11.92 -0.54
N TYR B 93 25.87 11.65 0.76
CA TYR B 93 26.87 10.88 1.51
C TYR B 93 26.54 9.40 1.62
N THR B 94 25.37 8.95 1.16
CA THR B 94 25.07 7.52 1.26
C THR B 94 25.52 6.78 -0.01
N LYS B 95 26.82 6.92 -0.33
CA LYS B 95 27.39 6.33 -1.53
C LYS B 95 28.01 4.98 -1.16
N TYR B 96 27.14 4.02 -0.89
CA TYR B 96 27.54 2.66 -0.53
C TYR B 96 26.98 1.67 -1.52
N LYS B 97 27.71 0.57 -1.71
CA LYS B 97 27.25 -0.61 -2.43
C LYS B 97 26.96 -1.69 -1.40
N VAL B 98 25.78 -2.28 -1.45
CA VAL B 98 25.50 -3.46 -0.63
C VAL B 98 26.15 -4.67 -1.27
N THR B 99 27.00 -5.37 -0.51
CA THR B 99 27.70 -6.51 -1.08
C THR B 99 27.12 -7.85 -0.66
N LYS B 100 26.39 -7.91 0.46
CA LYS B 100 25.95 -9.21 0.95
C LYS B 100 24.74 -9.06 1.86
N PHE B 101 23.74 -9.91 1.66
CA PHE B 101 22.67 -10.02 2.64
C PHE B 101 23.01 -11.08 3.70
N ILE B 102 22.47 -10.89 4.90
CA ILE B 102 22.76 -11.73 6.06
C ILE B 102 21.45 -12.39 6.49
N TYR B 103 21.51 -13.68 6.87
CA TYR B 103 20.32 -14.41 7.26
C TYR B 103 20.53 -15.02 8.64
N ALA B 104 19.46 -15.12 9.42
CA ALA B 104 19.60 -15.72 10.74
C ALA B 104 18.46 -16.69 11.04
N THR B 105 18.71 -17.57 12.02
CA THR B 105 17.69 -18.46 12.54
C THR B 105 17.84 -18.52 14.06
N SER B 106 17.04 -19.36 14.73
CA SER B 106 17.18 -19.42 16.18
C SER B 106 16.84 -20.83 16.63
N ASP B 107 17.72 -21.43 17.44
CA ASP B 107 17.43 -22.79 17.94
C ASP B 107 16.30 -22.78 18.96
N ILE B 108 16.08 -21.67 19.66
CA ILE B 108 14.99 -21.56 20.61
C ILE B 108 13.87 -20.69 20.05
N HIS B 109 12.67 -20.84 20.60
CA HIS B 109 11.55 -20.02 20.15
C HIS B 109 11.80 -18.56 20.52
N VAL B 110 11.59 -17.66 19.56
CA VAL B 110 11.70 -16.23 19.84
C VAL B 110 10.45 -15.52 19.38
N PRO B 111 10.21 -14.31 19.88
CA PRO B 111 9.06 -13.52 19.43
C PRO B 111 8.98 -13.37 17.92
N GLU B 112 7.74 -13.26 17.43
CA GLU B 112 7.52 -12.95 16.02
C GLU B 112 8.07 -11.59 15.64
N SER B 113 8.27 -10.69 16.62
CA SER B 113 8.93 -9.42 16.33
C SER B 113 10.38 -9.62 15.91
N PHE B 114 10.93 -10.79 16.15
CA PHE B 114 12.34 -11.06 15.86
C PHE B 114 12.50 -12.00 14.68
N LEU B 115 11.73 -13.08 14.65
CA LEU B 115 11.69 -13.96 13.49
C LEU B 115 10.24 -14.19 13.13
N LEU B 116 9.86 -13.83 11.91
CA LEU B 116 8.49 -13.81 11.45
C LEU B 116 8.37 -14.73 10.23
N PHE B 117 7.28 -15.48 10.09
CA PHE B 117 7.24 -16.50 9.05
C PHE B 117 5.95 -16.49 8.23
N PRO B 118 6.00 -17.02 7.00
CA PRO B 118 4.77 -17.12 6.20
C PRO B 118 3.76 -18.00 6.90
N ILE B 119 2.50 -17.56 6.91
CA ILE B 119 1.43 -18.29 7.55
C ILE B 119 1.25 -19.70 6.97
N SER B 120 1.83 -19.98 5.80
CA SER B 120 1.96 -21.35 5.32
C SER B 120 2.62 -22.26 6.38
N GLY B 123 6.29 -21.81 2.07
CA GLY B 123 7.02 -20.55 2.21
C GLY B 123 8.46 -20.63 1.77
N TRP B 124 9.13 -19.47 1.63
CA TRP B 124 10.51 -19.47 1.18
C TRP B 124 11.45 -20.09 2.20
N SER B 125 11.04 -20.09 3.48
CA SER B 125 11.86 -20.66 4.55
C SER B 125 10.95 -20.89 5.74
N LYS B 126 11.22 -21.98 6.46
CA LYS B 126 10.42 -22.29 7.65
C LYS B 126 11.04 -21.78 8.93
N GLU B 127 12.34 -21.44 8.90
CA GLU B 127 13.01 -21.12 10.15
C GLU B 127 13.98 -19.94 10.06
N SER B 128 14.19 -19.35 8.88
CA SER B 128 15.21 -18.31 8.74
C SER B 128 14.56 -17.01 8.31
N ASN B 129 15.22 -15.89 8.65
CA ASN B 129 14.82 -14.56 8.19
C ASN B 129 16.03 -13.83 7.63
N TRP B 130 15.77 -12.94 6.66
CA TRP B 130 16.70 -11.84 6.39
C TRP B 130 16.94 -11.02 7.65
N MET B 131 18.21 -10.77 7.97
CA MET B 131 18.56 -10.17 9.25
C MET B 131 19.49 -8.97 9.08
N GLY B 132 19.81 -8.56 7.84
CA GLY B 132 20.59 -7.34 7.64
C GLY B 132 21.50 -7.46 6.43
N TYR B 133 22.51 -6.57 6.37
CA TYR B 133 23.36 -6.54 5.19
C TYR B 133 24.73 -5.98 5.53
N VAL B 134 25.67 -6.23 4.63
CA VAL B 134 26.99 -5.63 4.68
C VAL B 134 27.15 -4.74 3.45
N ALA B 135 27.72 -3.58 3.64
CA ALA B 135 27.89 -2.63 2.55
C ALA B 135 29.26 -1.95 2.69
N VAL B 136 29.65 -1.23 1.65
CA VAL B 136 30.93 -0.53 1.68
C VAL B 136 30.83 0.72 0.82
N THR B 137 31.55 1.77 1.22
CA THR B 137 31.56 2.98 0.40
C THR B 137 32.22 2.70 -0.95
N ASP B 138 31.68 3.31 -2.01
CA ASP B 138 32.37 3.27 -3.28
C ASP B 138 33.47 4.34 -3.27
N ASP B 139 34.12 4.56 -4.42
CA ASP B 139 35.25 5.49 -4.38
C ASP B 139 34.80 6.90 -4.01
N GLN B 140 33.63 7.31 -4.50
CA GLN B 140 33.14 8.65 -4.20
C GLN B 140 32.73 8.76 -2.73
N GLY B 141 32.06 7.73 -2.20
CA GLY B 141 31.70 7.75 -0.79
C GLY B 141 32.92 7.71 0.12
N THR B 142 33.98 7.03 -0.32
CA THR B 142 35.21 6.95 0.44
C THR B 142 35.87 8.33 0.55
N ALA B 143 35.89 9.07 -0.56
CA ALA B 143 36.37 10.45 -0.52
C ALA B 143 35.51 11.31 0.41
N LEU B 144 34.18 11.23 0.28
CA LEU B 144 33.30 12.10 1.07
C LEU B 144 33.40 11.81 2.57
N LEU B 145 33.60 10.53 2.95
CA LEU B 145 33.60 10.15 4.37
C LEU B 145 34.99 10.10 4.98
N GLY B 146 36.04 10.25 4.17
CA GLY B 146 37.40 10.31 4.67
C GLY B 146 38.13 8.99 4.74
N ARG B 147 37.47 7.90 4.42
CA ARG B 147 38.02 6.56 4.63
C ARG B 147 37.04 5.60 4.01
N ARG B 148 37.51 4.38 3.79
CA ARG B 148 36.68 3.33 3.22
C ARG B 148 35.86 2.78 4.36
N ASP B 149 34.54 3.00 4.34
CA ASP B 149 33.68 2.64 5.47
C ASP B 149 32.91 1.36 5.14
N ILE B 150 33.13 0.31 5.94
CA ILE B 150 32.41 -0.96 5.84
C ILE B 150 31.30 -0.88 6.86
N VAL B 151 30.05 -1.05 6.41
CA VAL B 151 28.89 -0.95 7.28
C VAL B 151 28.27 -2.34 7.40
N VAL B 152 27.97 -2.74 8.63
CA VAL B 152 27.15 -3.91 8.89
C VAL B 152 25.88 -3.35 9.52
N SER B 153 24.74 -3.63 8.90
CA SER B 153 23.48 -3.12 9.40
C SER B 153 22.65 -4.32 9.80
N TRP B 154 22.30 -4.40 11.08
CA TRP B 154 21.50 -5.50 11.61
C TRP B 154 20.04 -5.08 11.66
N ARG B 155 19.19 -5.89 11.06
CA ARG B 155 17.76 -5.61 11.06
C ARG B 155 17.22 -5.74 12.48
N GLY B 156 16.18 -4.93 12.79
CA GLY B 156 15.68 -4.84 14.16
C GLY B 156 14.36 -5.54 14.45
N SER B 157 13.60 -4.98 15.40
CA SER B 157 12.33 -5.54 15.83
C SER B 157 11.18 -5.04 14.97
N VAL B 158 10.25 -5.94 14.66
CA VAL B 158 9.02 -5.51 13.98
C VAL B 158 7.84 -5.53 14.95
N GLN B 159 6.85 -4.69 14.69
CA GLN B 159 5.65 -4.73 15.51
C GLN B 159 4.91 -6.05 15.32
N TRP B 163 5.06 -5.98 23.27
CA TRP B 163 5.22 -6.57 24.60
C TRP B 163 6.66 -6.49 25.11
N VAL B 164 6.88 -5.72 26.18
CA VAL B 164 8.23 -5.62 26.72
C VAL B 164 8.69 -6.95 27.27
N GLU B 165 7.79 -7.92 27.38
CA GLU B 165 8.16 -9.28 27.74
C GLU B 165 8.84 -10.03 26.60
N ASP B 166 8.90 -9.44 25.40
CA ASP B 166 9.58 -10.10 24.28
C ASP B 166 11.08 -10.18 24.51
N PHE B 167 11.61 -9.22 25.26
CA PHE B 167 13.03 -9.14 25.54
C PHE B 167 13.42 -9.99 26.76
N GLU B 168 12.55 -10.98 27.09
CA GLU B 168 12.54 -11.99 28.18
C GLU B 168 13.65 -13.03 28.09
N PHE B 169 14.84 -12.76 28.60
CA PHE B 169 15.72 -13.91 28.51
C PHE B 169 16.72 -13.97 29.65
N GLY B 170 16.92 -15.20 30.09
CA GLY B 170 18.06 -15.55 30.91
C GLY B 170 19.36 -15.42 30.16
N LEU B 171 20.44 -15.50 30.92
CA LEU B 171 21.80 -15.38 30.42
C LEU B 171 22.31 -16.76 30.03
N VAL B 172 23.20 -16.79 29.04
CA VAL B 172 23.88 -18.02 28.67
C VAL B 172 25.37 -17.74 28.53
N ASN B 173 26.17 -18.76 28.82
CA ASN B 173 27.61 -18.61 28.71
C ASN B 173 28.01 -18.45 27.23
N ALA B 174 28.91 -17.50 26.95
CA ALA B 174 29.23 -17.14 25.58
C ALA B 174 30.64 -17.60 25.17
N ILE B 175 31.10 -18.73 25.72
CA ILE B 175 32.47 -19.18 25.45
C ILE B 175 32.68 -19.47 23.98
N LYS B 176 31.65 -19.92 23.27
CA LYS B 176 31.81 -20.19 21.85
C LYS B 176 32.01 -18.91 21.04
N ILE B 177 31.68 -17.75 21.63
CA ILE B 177 31.99 -16.48 20.96
C ILE B 177 33.32 -15.94 21.42
N PHE B 178 33.51 -15.85 22.74
CA PHE B 178 34.62 -15.07 23.24
C PHE B 178 35.78 -15.91 23.74
N GLY B 179 35.61 -17.23 23.79
CA GLY B 179 36.72 -18.13 23.98
C GLY B 179 36.98 -18.44 25.44
N GLU B 180 37.79 -19.48 25.66
CA GLU B 180 38.09 -19.89 27.02
C GLU B 180 38.70 -18.74 27.83
N ARG B 181 39.51 -17.89 27.18
CA ARG B 181 40.13 -16.74 27.83
C ARG B 181 39.11 -15.76 28.44
N ASN B 182 37.85 -15.79 28.00
CA ASN B 182 36.77 -14.94 28.51
C ASN B 182 35.59 -15.82 28.96
N ASP B 183 35.89 -16.90 29.67
CA ASP B 183 34.87 -17.92 29.88
C ASP B 183 33.77 -17.50 30.86
N GLN B 184 33.89 -16.35 31.53
CA GLN B 184 32.85 -15.91 32.45
C GLN B 184 31.82 -14.99 31.78
N VAL B 185 32.01 -14.63 30.52
CA VAL B 185 31.10 -13.71 29.85
C VAL B 185 29.78 -14.42 29.59
N GLN B 186 28.67 -13.75 29.92
CA GLN B 186 27.34 -14.25 29.60
C GLN B 186 26.56 -13.21 28.78
N ILE B 187 25.68 -13.72 27.93
CA ILE B 187 24.93 -12.95 26.96
C ILE B 187 23.47 -13.38 27.05
N HIS B 188 22.56 -12.43 26.83
CA HIS B 188 21.14 -12.72 26.64
C HIS B 188 20.91 -13.93 25.73
N GLN B 189 20.08 -14.89 26.19
CA GLN B 189 19.93 -16.13 25.43
C GLN B 189 19.32 -15.89 24.05
N GLY B 190 18.44 -14.89 23.94
CA GLY B 190 17.83 -14.60 22.65
C GLY B 190 18.80 -14.00 21.64
N TRP B 191 19.55 -12.98 22.04
CA TRP B 191 20.55 -12.41 21.13
C TRP B 191 21.55 -13.49 20.75
N TYR B 192 22.00 -14.27 21.73
CA TYR B 192 22.93 -15.36 21.41
C TYR B 192 22.34 -16.31 20.39
N SER B 193 21.07 -16.71 20.56
CA SER B 193 20.50 -17.72 19.69
C SER B 193 20.36 -17.21 18.27
N ILE B 194 19.95 -15.95 18.11
CA ILE B 194 19.79 -15.40 16.76
C ILE B 194 21.15 -15.20 16.09
N TYR B 195 22.14 -14.77 16.85
CA TYR B 195 23.48 -14.60 16.30
C TYR B 195 24.13 -15.92 15.90
N MET B 196 23.92 -16.98 16.68
CA MET B 196 24.76 -18.18 16.61
C MET B 196 24.08 -19.40 16.00
N SER B 197 22.76 -19.45 15.90
CA SER B 197 22.11 -20.68 15.46
C SER B 197 22.26 -20.94 13.96
N GLN B 198 22.26 -22.22 13.61
CA GLN B 198 22.36 -22.67 12.23
C GLN B 198 21.24 -23.63 11.91
N ASP B 199 20.91 -23.73 10.63
CA ASP B 199 19.99 -24.75 10.15
C ASP B 199 20.71 -25.46 9.03
N GLU B 200 21.22 -26.65 9.35
CA GLU B 200 22.01 -27.45 8.41
C GLU B 200 21.26 -27.72 7.10
N ARG B 201 19.94 -27.71 7.13
CA ARG B 201 19.15 -27.98 5.94
C ARG B 201 18.86 -26.73 5.12
N SER B 202 19.35 -25.57 5.56
CA SER B 202 18.92 -24.32 4.92
C SER B 202 20.04 -23.74 4.08
N PRO B 203 19.76 -23.35 2.83
CA PRO B 203 20.78 -22.62 2.05
C PRO B 203 21.07 -21.23 2.60
N PHE B 204 20.24 -20.74 3.51
CA PHE B 204 20.37 -19.40 4.06
C PHE B 204 21.13 -19.37 5.38
N THR B 205 20.88 -20.35 6.27
CA THR B 205 21.46 -20.33 7.61
C THR B 205 22.25 -21.59 7.94
N LYS B 206 22.70 -22.36 6.95
CA LYS B 206 23.60 -23.46 7.27
C LYS B 206 24.87 -22.94 7.95
N THR B 207 25.29 -21.71 7.62
CA THR B 207 26.24 -20.96 8.43
C THR B 207 25.49 -19.87 9.20
N ASN B 208 25.88 -19.62 10.46
CA ASN B 208 25.06 -18.70 11.27
C ASN B 208 25.28 -17.24 10.83
N ALA B 209 24.40 -16.35 11.34
CA ALA B 209 24.48 -14.93 10.97
C ALA B 209 25.85 -14.35 11.31
N ARG B 210 26.37 -14.72 12.49
CA ARG B 210 27.69 -14.27 12.91
C ARG B 210 28.75 -14.50 11.83
N ASP B 211 28.88 -15.76 11.40
CA ASP B 211 29.99 -16.11 10.51
C ASP B 211 29.78 -15.57 9.09
N GLN B 212 28.52 -15.38 8.68
CA GLN B 212 28.25 -14.71 7.40
C GLN B 212 28.82 -13.31 7.43
N VAL B 213 28.61 -12.59 8.53
CA VAL B 213 29.13 -11.24 8.65
C VAL B 213 30.65 -11.26 8.73
N LEU B 214 31.21 -12.16 9.54
CA LEU B 214 32.67 -12.17 9.71
C LEU B 214 33.36 -12.44 8.39
N ARG B 215 32.82 -13.36 7.60
CA ARG B 215 33.44 -13.71 6.33
C ARG B 215 33.43 -12.53 5.38
N GLU B 216 32.29 -11.84 5.29
CA GLU B 216 32.18 -10.77 4.30
C GLU B 216 32.99 -9.56 4.73
N VAL B 217 32.95 -9.21 6.03
CA VAL B 217 33.82 -8.14 6.53
C VAL B 217 35.28 -8.48 6.23
N GLY B 218 35.68 -9.73 6.43
CA GLY B 218 37.04 -10.15 6.11
C GLY B 218 37.41 -9.97 4.65
N ARG B 219 36.47 -10.26 3.73
CA ARG B 219 36.74 -10.05 2.30
C ARG B 219 37.00 -8.58 2.01
N LEU B 220 36.17 -7.70 2.59
CA LEU B 220 36.32 -6.26 2.35
C LEU B 220 37.60 -5.72 2.96
N LEU B 221 37.93 -6.14 4.18
CA LEU B 221 39.16 -5.70 4.81
C LEU B 221 40.39 -6.10 3.98
N GLU B 222 40.37 -7.33 3.47
CA GLU B 222 41.49 -7.78 2.64
C GLU B 222 41.57 -6.99 1.33
N LYS B 223 40.42 -6.75 0.69
CA LYS B 223 40.41 -5.98 -0.55
C LYS B 223 41.00 -4.59 -0.34
N TYR B 224 40.66 -3.95 0.78
CA TYR B 224 41.06 -2.57 1.01
C TYR B 224 42.17 -2.47 2.04
N LYS B 225 42.99 -3.54 2.15
CA LYS B 225 44.02 -3.59 3.17
C LYS B 225 45.04 -2.45 3.08
N ASP B 226 45.19 -1.82 1.91
CA ASP B 226 46.18 -0.74 1.77
C ASP B 226 45.59 0.66 1.97
N GLU B 227 44.30 0.78 2.26
CA GLU B 227 43.65 2.08 2.48
C GLU B 227 43.31 2.25 3.95
N GLU B 228 42.97 3.48 4.32
CA GLU B 228 42.36 3.70 5.65
C GLU B 228 40.93 3.17 5.63
N VAL B 229 40.58 2.36 6.64
CA VAL B 229 39.29 1.66 6.67
C VAL B 229 38.65 1.84 8.04
N SER B 230 37.32 1.85 8.05
CA SER B 230 36.59 1.76 9.31
C SER B 230 35.49 0.73 9.15
N ILE B 231 35.07 0.17 10.28
CA ILE B 231 33.87 -0.66 10.34
C ILE B 231 32.86 0.06 11.20
N THR B 232 31.66 0.29 10.65
CA THR B 232 30.58 0.94 11.39
C THR B 232 29.42 -0.03 11.38
N ILE B 233 28.91 -0.34 12.56
CA ILE B 233 27.83 -1.32 12.72
C ILE B 233 26.62 -0.56 13.26
N CYS B 234 25.44 -0.83 12.68
CA CYS B 234 24.22 -0.04 12.87
C CYS B 234 23.13 -0.99 13.33
N GLY B 235 22.26 -0.54 14.24
CA GLY B 235 21.08 -1.34 14.53
C GLY B 235 20.17 -0.68 15.55
N HIS B 236 18.87 -1.03 15.47
CA HIS B 236 17.83 -0.56 16.36
C HIS B 236 17.12 -1.73 17.02
N SER B 237 16.83 -1.62 18.33
CA SER B 237 16.04 -2.62 19.08
C SER B 237 16.76 -3.96 19.07
N LEU B 238 16.16 -5.05 18.58
CA LEU B 238 16.92 -6.30 18.36
C LEU B 238 18.22 -6.01 17.60
N GLY B 239 18.14 -5.16 16.56
CA GLY B 239 19.33 -4.86 15.77
C GLY B 239 20.42 -4.20 16.59
N ALA B 240 20.02 -3.40 17.57
CA ALA B 240 21.00 -2.75 18.44
C ALA B 240 21.75 -3.78 19.27
N ALA B 241 21.03 -4.78 19.78
CA ALA B 241 21.68 -5.85 20.55
C ALA B 241 22.64 -6.64 19.66
N LEU B 242 22.18 -7.01 18.47
CA LEU B 242 23.06 -7.74 17.55
C LEU B 242 24.23 -6.86 17.14
N ALA B 243 23.99 -5.57 16.92
CA ALA B 243 25.13 -4.72 16.53
C ALA B 243 26.15 -4.64 17.65
N THR B 244 25.69 -4.55 18.90
CA THR B 244 26.60 -4.46 20.04
C THR B 244 27.39 -5.76 20.19
N LEU B 245 26.70 -6.89 20.12
CA LEU B 245 27.34 -8.20 20.24
C LEU B 245 28.34 -8.41 19.11
N SER B 246 27.91 -8.10 17.87
CA SER B 246 28.75 -8.23 16.67
C SER B 246 30.03 -7.41 16.80
N ALA B 247 29.90 -6.15 17.21
CA ALA B 247 31.09 -5.30 17.37
C ALA B 247 32.05 -5.90 18.38
N THR B 248 31.53 -6.35 19.52
CA THR B 248 32.42 -6.85 20.56
C THR B 248 33.11 -8.13 20.11
N ASP B 249 32.39 -8.98 19.38
CA ASP B 249 32.94 -10.21 18.83
C ASP B 249 34.07 -9.91 17.85
N ILE B 250 33.81 -8.97 16.94
CA ILE B 250 34.76 -8.63 15.90
C ILE B 250 36.06 -8.14 16.51
N VAL B 251 35.96 -7.22 17.49
CA VAL B 251 37.18 -6.64 18.05
C VAL B 251 37.89 -7.65 18.94
N ALA B 252 37.12 -8.32 19.82
CA ALA B 252 37.73 -9.26 20.75
C ALA B 252 38.45 -10.39 20.02
N ASN B 253 37.95 -10.80 18.85
CA ASN B 253 38.55 -11.93 18.16
C ASN B 253 39.41 -11.52 16.97
N GLY B 254 39.60 -10.22 16.75
CA GLY B 254 40.57 -9.77 15.76
C GLY B 254 40.07 -9.82 14.34
N TYR B 255 38.78 -9.79 14.14
CA TYR B 255 38.22 -9.79 12.80
C TYR B 255 38.22 -8.41 12.17
N ASN B 256 38.73 -7.40 12.88
CA ASN B 256 38.94 -6.07 12.34
C ASN B 256 40.35 -5.88 11.79
N ARG B 257 41.00 -6.98 11.44
CA ARG B 257 42.29 -7.00 10.77
C ARG B 257 42.18 -7.78 9.47
N PRO B 258 42.76 -7.29 8.38
CA PRO B 258 42.84 -8.11 7.16
C PRO B 258 43.67 -9.36 7.43
N LYS B 259 43.29 -10.47 6.79
CA LYS B 259 43.97 -11.73 7.08
C LYS B 259 45.47 -11.61 6.80
N SER B 260 45.84 -10.93 5.72
CA SER B 260 47.25 -10.85 5.36
C SER B 260 47.98 -9.67 6.03
N ARG B 261 47.30 -8.90 6.88
CA ARG B 261 47.91 -7.78 7.61
C ARG B 261 47.48 -7.80 9.06
N PRO B 262 47.91 -8.82 9.82
CA PRO B 262 47.46 -8.93 11.23
C PRO B 262 47.89 -7.78 12.11
N ASP B 263 48.77 -6.91 11.64
CA ASP B 263 49.21 -5.76 12.41
C ASP B 263 48.35 -4.53 12.20
N LYS B 264 47.42 -4.55 11.24
CA LYS B 264 46.61 -3.39 10.89
C LYS B 264 45.21 -3.57 11.48
N SER B 265 44.95 -2.92 12.60
CA SER B 265 43.63 -2.94 13.21
C SER B 265 42.81 -1.78 12.69
N CYS B 266 41.53 -2.02 12.38
CA CYS B 266 40.76 -0.84 12.06
C CYS B 266 39.75 -0.55 13.17
N PRO B 267 39.34 0.70 13.32
CA PRO B 267 38.36 1.03 14.36
C PRO B 267 37.01 0.44 14.02
N VAL B 268 36.33 -0.07 15.05
CA VAL B 268 34.95 -0.58 14.95
C VAL B 268 34.06 0.29 15.83
N THR B 269 33.06 0.92 15.25
CA THR B 269 32.16 1.81 15.98
C THR B 269 30.75 1.34 15.71
N ALA B 270 29.94 1.19 16.76
CA ALA B 270 28.54 0.86 16.56
C ALA B 270 27.70 2.06 16.93
N PHE B 271 26.77 2.48 16.03
CA PHE B 271 25.74 3.45 16.34
C PHE B 271 24.47 2.67 16.55
N VAL B 272 24.00 2.62 17.78
CA VAL B 272 22.83 1.80 18.07
C VAL B 272 21.75 2.67 18.69
N PHE B 273 20.52 2.20 18.53
CA PHE B 273 19.33 3.00 18.85
C PHE B 273 18.35 2.15 19.64
N ALA B 274 17.85 2.68 20.76
CA ALA B 274 16.84 1.98 21.56
C ALA B 274 17.34 0.59 21.94
N SER B 275 18.58 0.54 22.44
CA SER B 275 19.23 -0.76 22.67
C SER B 275 18.76 -1.41 23.97
N PRO B 276 18.27 -2.65 23.92
CA PRO B 276 18.20 -3.44 25.15
C PRO B 276 19.59 -3.74 25.65
N ARG B 277 19.67 -4.29 26.87
CA ARG B 277 20.99 -4.70 27.31
C ARG B 277 21.34 -6.04 26.70
N VAL B 278 22.64 -6.31 26.62
CA VAL B 278 23.17 -7.43 25.85
C VAL B 278 23.74 -8.53 26.74
N GLY B 279 24.51 -8.15 27.76
CA GLY B 279 25.13 -9.17 28.58
C GLY B 279 25.41 -8.71 29.99
N ASP B 280 26.19 -9.50 30.72
CA ASP B 280 26.34 -9.27 32.15
C ASP B 280 27.57 -8.43 32.46
N SER B 281 27.94 -8.37 33.74
CA SER B 281 29.07 -7.53 34.13
C SER B 281 30.38 -8.04 33.54
N ASP B 282 30.51 -9.33 33.30
CA ASP B 282 31.74 -9.79 32.67
C ASP B 282 31.79 -9.40 31.19
N PHE B 283 30.63 -9.37 30.52
CA PHE B 283 30.58 -8.82 29.18
C PHE B 283 31.05 -7.37 29.16
N ARG B 284 30.56 -6.57 30.12
CA ARG B 284 31.01 -5.19 30.20
C ARG B 284 32.51 -5.12 30.46
N LYS B 285 33.04 -6.01 31.30
CA LYS B 285 34.47 -5.97 31.60
C LYS B 285 35.29 -6.25 30.36
N LEU B 286 34.90 -7.27 29.60
CA LEU B 286 35.58 -7.57 28.35
C LEU B 286 35.56 -6.36 27.43
N PHE B 287 34.37 -5.79 27.23
CA PHE B 287 34.21 -4.61 26.38
C PHE B 287 35.14 -3.47 26.80
N SER B 288 35.25 -3.22 28.12
CA SER B 288 35.99 -2.07 28.63
C SER B 288 37.48 -2.19 28.38
N GLY B 289 37.97 -3.40 28.13
CA GLY B 289 39.37 -3.58 27.81
C GLY B 289 39.70 -3.54 26.34
N LEU B 290 38.74 -3.34 25.44
CA LEU B 290 39.02 -3.34 24.01
C LEU B 290 39.34 -1.93 23.53
N GLU B 291 40.58 -1.71 23.09
CA GLU B 291 40.95 -0.35 22.68
C GLU B 291 40.21 0.11 21.44
N ASP B 292 39.94 -0.77 20.48
CA ASP B 292 39.51 -0.32 19.15
C ASP B 292 37.99 -0.26 18.99
N ILE B 293 37.23 -0.44 20.05
CA ILE B 293 35.77 -0.47 19.91
C ILE B 293 35.19 0.82 20.49
N ARG B 294 34.09 1.29 19.89
CA ARG B 294 33.33 2.39 20.45
C ARG B 294 31.86 2.12 20.16
N VAL B 295 30.99 2.39 21.12
CA VAL B 295 29.55 2.22 20.90
C VAL B 295 28.87 3.50 21.39
N LEU B 296 28.02 4.11 20.55
CA LEU B 296 27.17 5.21 20.99
C LEU B 296 25.74 4.67 21.00
N ARG B 297 25.14 4.57 22.20
CA ARG B 297 23.74 4.16 22.36
C ARG B 297 22.87 5.40 22.46
N THR B 298 22.09 5.68 21.40
CA THR B 298 21.14 6.78 21.48
C THR B 298 19.90 6.26 22.18
N ARG B 299 19.44 6.95 23.24
CA ARG B 299 18.36 6.42 24.09
C ARG B 299 17.27 7.49 24.25
N ASN B 300 16.03 7.13 23.93
CA ASN B 300 14.92 8.07 24.07
C ASN B 300 14.36 7.90 25.49
N LEU B 301 14.39 8.96 26.29
CA LEU B 301 14.05 8.80 27.72
C LEU B 301 12.71 8.11 27.99
N PRO B 302 11.61 8.38 27.26
CA PRO B 302 10.35 7.69 27.56
C PRO B 302 10.25 6.27 27.01
N ASP B 303 11.23 5.82 26.22
CA ASP B 303 11.25 4.47 25.67
C ASP B 303 11.72 3.49 26.74
N VAL B 304 10.88 2.52 27.14
CA VAL B 304 11.29 1.62 28.21
C VAL B 304 12.16 0.45 27.75
N ILE B 305 12.29 0.21 26.45
CA ILE B 305 13.03 -0.98 26.03
C ILE B 305 14.50 -0.94 26.43
N PRO B 306 15.15 0.22 26.48
CA PRO B 306 16.53 0.24 26.98
C PRO B 306 16.67 -0.17 28.45
N ILE B 307 15.57 -0.34 29.20
CA ILE B 307 15.66 -0.87 30.56
C ILE B 307 15.69 -2.39 30.59
N TYR B 308 15.41 -3.05 29.48
CA TYR B 308 15.28 -4.48 29.54
C TYR B 308 16.53 -5.18 28.99
N PRO B 309 16.86 -6.35 29.56
CA PRO B 309 16.12 -6.90 30.72
C PRO B 309 16.45 -6.14 32.04
N PRO B 310 15.49 -6.02 32.95
CA PRO B 310 15.61 -5.01 34.02
C PRO B 310 16.58 -5.37 35.13
N ILE B 311 17.09 -6.59 35.19
CA ILE B 311 18.05 -6.94 36.23
C ILE B 311 18.98 -8.02 35.71
N GLY B 312 20.22 -8.01 36.20
CA GLY B 312 21.21 -8.99 35.82
C GLY B 312 22.12 -8.57 34.69
N TYR B 313 21.85 -7.43 34.04
CA TYR B 313 22.54 -7.04 32.83
C TYR B 313 23.28 -5.71 33.01
N SER B 314 24.32 -5.52 32.21
CA SER B 314 25.08 -4.28 32.22
C SER B 314 24.98 -3.61 30.86
N GLU B 315 25.13 -2.30 30.85
CA GLU B 315 25.25 -1.55 29.60
C GLU B 315 26.72 -1.44 29.20
N VAL B 316 26.97 -1.25 27.90
CA VAL B 316 28.31 -0.96 27.43
C VAL B 316 28.23 0.25 26.51
N GLY B 317 29.33 0.96 26.40
CA GLY B 317 29.42 2.09 25.50
C GLY B 317 29.02 3.40 26.13
N ASP B 318 28.98 4.42 25.27
CA ASP B 318 28.58 5.75 25.66
C ASP B 318 27.12 5.97 25.32
N GLU B 319 26.43 6.75 26.14
CA GLU B 319 25.00 6.99 25.95
C GLU B 319 24.77 8.40 25.46
N PHE B 320 23.77 8.55 24.59
CA PHE B 320 23.31 9.85 24.10
C PHE B 320 21.81 9.94 24.29
N PRO B 321 21.32 10.62 25.32
CA PRO B 321 19.89 10.69 25.54
C PRO B 321 19.21 11.81 24.78
N ILE B 322 18.00 11.51 24.33
CA ILE B 322 17.09 12.42 23.67
C ILE B 322 15.74 12.22 24.33
N ASP B 323 14.80 13.12 24.03
CA ASP B 323 13.45 13.01 24.59
C ASP B 323 12.46 13.49 23.54
N THR B 324 11.82 12.55 22.84
CA THR B 324 10.94 12.96 21.77
C THR B 324 9.64 13.58 22.30
N ARG B 325 9.35 13.47 23.60
CA ARG B 325 8.19 14.19 24.12
C ARG B 325 8.33 15.69 23.96
N LYS B 326 9.54 16.17 23.75
CA LYS B 326 9.75 17.60 23.58
C LYS B 326 9.44 18.06 22.15
N SER B 327 9.24 17.13 21.23
CA SER B 327 8.90 17.54 19.86
C SER B 327 7.45 18.00 19.77
N PRO B 328 7.19 19.21 19.26
CA PRO B 328 5.79 19.64 19.06
C PRO B 328 5.11 18.96 17.88
N TYR B 329 5.84 18.13 17.12
CA TYR B 329 5.26 17.39 16.01
C TYR B 329 4.67 16.03 16.42
N MET B 330 5.07 15.47 17.56
CA MET B 330 4.71 14.12 17.96
C MET B 330 3.41 14.09 18.76
N LYS B 331 2.58 13.07 18.49
CA LYS B 331 1.35 12.87 19.25
C LYS B 331 1.67 12.74 20.72
N SER B 332 0.82 13.36 21.56
CA SER B 332 0.97 13.34 23.01
C SER B 332 -0.37 12.90 23.60
N PRO B 333 -0.37 11.91 24.52
CA PRO B 333 0.83 11.19 24.99
C PRO B 333 1.21 10.09 24.01
N GLY B 334 2.48 9.72 24.01
CA GLY B 334 2.93 8.62 23.18
C GLY B 334 2.64 7.30 23.84
N ASN B 335 3.08 6.23 23.19
CA ASN B 335 2.89 4.89 23.71
C ASN B 335 4.15 4.09 23.44
N LEU B 336 4.10 2.82 23.82
CA LEU B 336 5.27 1.95 23.66
C LEU B 336 5.80 2.01 22.24
N ALA B 337 4.93 1.91 21.24
CA ALA B 337 5.39 1.91 19.85
C ALA B 337 5.99 3.25 19.45
N THR B 338 5.31 4.36 19.77
CA THR B 338 5.79 5.64 19.25
C THR B 338 7.06 6.10 19.97
N PHE B 339 7.23 5.73 21.25
CA PHE B 339 8.48 6.10 21.93
C PHE B 339 9.64 5.25 21.45
N HIS B 340 9.36 4.05 20.94
CA HIS B 340 10.42 3.14 20.52
C HIS B 340 10.80 3.29 19.05
N CYS B 341 9.89 3.73 18.18
CA CYS B 341 10.10 3.58 16.73
C CYS B 341 11.34 4.35 16.25
N LEU B 342 12.08 3.71 15.32
CA LEU B 342 13.37 4.27 14.90
C LEU B 342 13.23 5.62 14.20
N GLU B 343 12.25 5.80 13.31
CA GLU B 343 12.10 7.12 12.70
C GLU B 343 11.73 8.17 13.75
N GLY B 344 10.99 7.79 14.78
CA GLY B 344 10.82 8.69 15.91
C GLY B 344 12.14 9.08 16.55
N TYR B 345 13.02 8.10 16.75
CA TYR B 345 14.37 8.39 17.26
C TYR B 345 15.09 9.39 16.36
N LEU B 346 15.08 9.15 15.05
CA LEU B 346 15.87 10.00 14.17
C LEU B 346 15.28 11.41 14.07
N HIS B 347 13.96 11.53 14.16
CA HIS B 347 13.34 12.85 14.32
C HIS B 347 13.81 13.51 15.62
N GLY B 348 13.90 12.74 16.69
CA GLY B 348 14.43 13.27 17.95
C GLY B 348 15.86 13.76 17.83
N VAL B 349 16.72 12.97 17.17
CA VAL B 349 18.09 13.44 16.94
C VAL B 349 18.09 14.70 16.08
N ALA B 350 17.21 14.74 15.06
CA ALA B 350 17.21 15.87 14.13
C ALA B 350 16.87 17.18 14.82
N GLY B 351 16.07 17.16 15.86
CA GLY B 351 15.65 18.42 16.48
C GLY B 351 16.04 18.57 17.94
N THR B 352 16.71 17.58 18.53
CA THR B 352 16.99 17.72 19.96
C THR B 352 17.89 18.92 20.24
N GLN B 353 17.55 19.67 21.30
CA GLN B 353 18.46 20.69 21.81
C GLN B 353 18.81 20.43 23.26
N GLY B 354 18.68 19.18 23.69
CA GLY B 354 18.90 18.78 25.07
C GLY B 354 17.66 18.16 25.68
N THR B 355 17.87 17.53 26.83
CA THR B 355 16.75 16.91 27.53
C THR B 355 16.32 17.67 28.78
N ASN B 356 16.92 18.80 29.12
CA ASN B 356 16.40 19.56 30.26
C ASN B 356 15.04 20.17 29.91
N LYS B 357 14.23 20.44 30.95
CA LYS B 357 12.91 21.02 30.71
C LYS B 357 12.99 22.34 29.92
N ALA B 358 14.07 23.10 30.09
CA ALA B 358 14.17 24.39 29.42
C ALA B 358 14.69 24.27 28.00
N ASP B 359 15.19 23.13 27.59
CA ASP B 359 15.74 23.03 26.24
C ASP B 359 14.59 22.91 25.23
N LEU B 360 14.59 23.77 24.20
CA LEU B 360 13.46 23.82 23.29
C LEU B 360 13.78 23.11 21.97
N PHE B 361 12.98 22.11 21.62
CA PHE B 361 13.21 21.31 20.42
C PHE B 361 13.14 22.20 19.17
N ARG B 362 14.07 21.96 18.22
CA ARG B 362 14.12 22.71 16.96
C ARG B 362 14.84 21.86 15.91
N LEU B 363 14.17 21.56 14.80
CA LEU B 363 14.85 20.81 13.74
C LEU B 363 16.01 21.63 13.20
N ASP B 364 17.20 21.07 13.29
CA ASP B 364 18.43 21.69 12.79
C ASP B 364 18.98 20.95 11.58
N VAL B 365 18.25 19.97 11.07
CA VAL B 365 18.51 19.40 9.75
C VAL B 365 17.17 19.33 9.00
N GLU B 366 17.23 19.21 7.69
CA GLU B 366 16.03 19.21 6.85
C GLU B 366 15.42 17.80 6.73
N ARG B 367 15.00 17.25 7.86
CA ARG B 367 14.49 15.86 7.88
C ARG B 367 12.96 15.87 7.87
N ALA B 368 12.38 15.32 6.80
CA ALA B 368 10.92 15.28 6.65
C ALA B 368 10.23 14.62 7.84
N ILE B 369 9.33 15.37 8.51
CA ILE B 369 8.68 14.79 9.68
C ILE B 369 7.84 13.59 9.29
N GLY B 370 7.36 13.55 8.05
CA GLY B 370 6.48 12.46 7.65
C GLY B 370 7.12 11.08 7.77
N LEU B 371 8.45 11.01 7.74
CA LEU B 371 9.11 9.72 7.92
C LEU B 371 8.73 9.04 9.23
N VAL B 372 8.41 9.82 10.27
CA VAL B 372 8.01 9.25 11.55
C VAL B 372 6.90 8.22 11.38
N ASN B 373 6.00 8.43 10.43
CA ASN B 373 4.80 7.61 10.35
C ASN B 373 4.94 6.36 9.47
N LYS B 374 6.17 5.96 9.10
CA LYS B 374 6.31 4.74 8.29
C LYS B 374 5.57 3.55 8.91
N SER B 375 5.74 3.34 10.21
CA SER B 375 5.13 2.14 10.77
C SER B 375 4.36 2.40 12.05
N VAL B 376 4.10 3.68 12.38
CA VAL B 376 3.33 4.06 13.56
C VAL B 376 2.41 5.21 13.19
N ASP B 377 1.43 5.46 14.07
CA ASP B 377 0.65 6.69 14.09
C ASP B 377 1.32 7.60 15.12
N GLY B 378 2.41 8.25 14.70
CA GLY B 378 3.25 8.95 15.66
C GLY B 378 3.14 10.45 15.65
N LEU B 379 2.76 11.04 14.53
CA LEU B 379 2.68 12.48 14.42
C LEU B 379 1.31 12.98 14.88
N LYS B 380 1.26 14.24 15.32
CA LYS B 380 -0.03 14.89 15.57
C LYS B 380 -0.89 14.90 14.30
N ASP B 381 -2.22 14.78 14.49
CA ASP B 381 -3.12 14.76 13.35
C ASP B 381 -2.96 15.98 12.48
N GLU B 382 -2.67 17.15 13.08
CA GLU B 382 -2.49 18.36 12.29
C GLU B 382 -1.31 18.31 11.36
N CYS B 383 -0.38 17.36 11.51
CA CYS B 383 0.68 17.29 10.51
C CYS B 383 0.18 16.79 9.16
N MET B 384 -1.03 16.23 9.08
CA MET B 384 -1.62 15.76 7.82
C MET B 384 -0.83 14.62 7.17
N VAL B 385 -0.17 13.78 7.94
CA VAL B 385 0.52 12.62 7.37
C VAL B 385 -0.22 11.36 7.79
N PRO B 386 -0.63 10.51 6.84
CA PRO B 386 -1.28 9.25 7.21
C PRO B 386 -0.41 8.41 8.13
N GLY B 387 -1.05 7.68 9.04
CA GLY B 387 -0.30 6.81 9.94
C GLY B 387 0.06 5.50 9.24
N LYS B 388 1.15 4.87 9.72
CA LYS B 388 1.62 3.58 9.22
C LYS B 388 1.56 3.49 7.69
N TRP B 389 2.27 4.40 7.04
CA TRP B 389 2.07 4.51 5.60
C TRP B 389 2.97 3.61 4.75
N ARG B 390 4.05 3.02 5.28
CA ARG B 390 4.95 2.26 4.40
C ARG B 390 4.29 0.96 3.92
N VAL B 391 4.23 0.79 2.60
CA VAL B 391 3.62 -0.39 1.98
C VAL B 391 3.95 -0.39 0.50
N LEU B 392 4.22 -1.57 -0.07
CA LEU B 392 4.39 -1.63 -1.51
C LEU B 392 3.08 -1.27 -2.19
N LYS B 393 3.16 -0.79 -3.41
CA LYS B 393 1.93 -0.59 -4.16
C LYS B 393 1.14 -1.90 -4.23
N ASN B 394 -0.13 -1.85 -3.86
CA ASN B 394 -1.01 -3.01 -3.97
C ASN B 394 -0.49 -4.19 -3.15
N LYS B 395 0.22 -3.87 -2.05
CA LYS B 395 0.90 -4.86 -1.22
C LYS B 395 1.81 -5.78 -2.03
N GLY B 396 2.26 -5.34 -3.18
CA GLY B 396 3.08 -6.17 -4.05
C GLY B 396 2.35 -6.89 -5.17
N MET B 397 1.01 -6.97 -5.11
CA MET B 397 0.29 -7.55 -6.25
C MET B 397 0.57 -6.75 -7.52
N ALA B 398 0.81 -7.45 -8.63
CA ALA B 398 1.19 -6.75 -9.85
C ALA B 398 0.61 -7.46 -11.06
N GLN B 399 0.07 -6.66 -11.98
CA GLN B 399 -0.37 -7.20 -13.26
C GLN B 399 0.82 -7.62 -14.11
N GLN B 400 0.78 -8.85 -14.62
CA GLN B 400 1.82 -9.44 -15.46
C GLN B 400 1.47 -9.22 -16.94
N ASP B 401 2.46 -9.45 -17.81
CA ASP B 401 2.24 -9.11 -19.23
C ASP B 401 1.17 -9.96 -19.89
N ASP B 402 0.80 -11.09 -19.31
CA ASP B 402 -0.26 -11.91 -19.85
C ASP B 402 -1.62 -11.65 -19.21
N GLY B 403 -1.73 -10.58 -18.40
CA GLY B 403 -2.98 -10.25 -17.72
C GLY B 403 -3.18 -10.94 -16.38
N SER B 404 -2.30 -11.87 -16.01
CA SER B 404 -2.41 -12.48 -14.69
C SER B 404 -1.99 -11.46 -13.63
N TRP B 405 -2.35 -11.75 -12.38
CA TRP B 405 -2.03 -10.88 -11.25
C TRP B 405 -1.34 -11.75 -10.22
N GLU B 406 -0.09 -11.39 -9.87
CA GLU B 406 0.78 -12.22 -9.04
C GLU B 406 1.37 -11.37 -7.92
N LEU B 407 1.64 -11.99 -6.79
CA LEU B 407 2.26 -11.27 -5.68
C LEU B 407 3.75 -11.16 -5.94
N VAL B 408 4.22 -9.98 -6.33
CA VAL B 408 5.60 -9.74 -6.69
C VAL B 408 6.19 -8.81 -5.63
N ASP B 409 6.43 -9.37 -4.44
CA ASP B 409 6.93 -8.61 -3.31
C ASP B 409 8.37 -8.98 -2.97
N HIS B 410 9.06 -9.64 -3.91
CA HIS B 410 10.43 -10.11 -3.66
C HIS B 410 11.23 -10.03 -4.96
N GLU B 411 12.31 -9.25 -4.96
CA GLU B 411 13.23 -9.21 -6.09
C GLU B 411 14.23 -10.36 -5.95
N ILE B 412 14.46 -11.10 -7.02
CA ILE B 412 15.33 -12.26 -6.90
C ILE B 412 16.78 -11.81 -6.72
N ASP B 413 17.47 -12.42 -5.77
CA ASP B 413 18.90 -12.19 -5.59
C ASP B 413 19.47 -13.43 -4.93
N ASP B 414 20.33 -14.15 -5.66
CA ASP B 414 20.94 -15.37 -5.15
C ASP B 414 21.93 -15.11 -4.02
N ASN B 415 22.30 -13.85 -3.80
CA ASN B 415 23.23 -13.46 -2.75
C ASN B 415 24.63 -14.00 -2.97
N GLU B 416 24.99 -14.40 -4.19
CA GLU B 416 26.34 -14.89 -4.44
C GLU B 416 27.34 -13.78 -4.20
N ASP B 417 28.51 -14.15 -3.66
CA ASP B 417 29.60 -13.20 -3.48
C ASP B 417 29.79 -12.35 -4.73
N LEU B 418 29.98 -11.05 -4.55
CA LEU B 418 30.25 -10.18 -5.69
C LEU B 418 31.71 -10.24 -6.05
N ASP B 419 32.00 -10.02 -7.33
CA ASP B 419 33.35 -10.23 -7.84
C ASP B 419 34.25 -9.12 -7.31
N PHE B 420 35.00 -9.45 -6.27
CA PHE B 420 36.05 -8.58 -5.74
C PHE B 420 36.90 -9.43 -4.79
#